data_4GSN
#
_entry.id   4GSN
#
_cell.length_a   51.330
_cell.length_b   86.380
_cell.length_c   92.850
_cell.angle_alpha   90.00
_cell.angle_beta   90.73
_cell.angle_gamma   90.00
#
_symmetry.space_group_name_H-M   'P 1 21 1'
#
loop_
_entity.id
_entity.type
_entity.pdbx_description
1 polymer 'Glutathione S-transferase E2'
2 non-polymer GLUTATHIONE
3 non-polymer 'PENTAETHYLENE GLYCOL'
4 non-polymer GLYCEROL
5 water water
#
_entity_poly.entity_id   1
_entity_poly.type   'polypeptide(L)'
_entity_poly.pdbx_seq_one_letter_code
;SNLVLYTLHLSPPCRAVELTAKALGLELEQKTINLLTGDHLKPEFVKLNPQHTIPVLDDNGTIITESHAIMIYLVTKYGK
DDSLYPKDPVKQARVNSALHFESGVLFARMRFTFERILFFGKSDIPEDRVEYVQKSYELLEDTLVDDFVAGPTMTIADFS
CISTVSSIMGVVPLEQSKHPRIYAWIDRLKQLPYYEEVNGGGGTDLGKFVLAKKEENAKA
;
_entity_poly.pdbx_strand_id   A,B,C,D
#
loop_
_chem_comp.id
_chem_comp.type
_chem_comp.name
_chem_comp.formula
1PE non-polymer 'PENTAETHYLENE GLYCOL' 'C10 H22 O6'
GOL non-polymer GLYCEROL 'C3 H8 O3'
GSH non-polymer GLUTATHIONE 'C10 H17 N3 O6 S'
#
# COMPACT_ATOMS: atom_id res chain seq x y z
N SER A 1 -16.85 36.98 22.38
CA SER A 1 -15.71 36.28 22.95
C SER A 1 -15.08 35.31 21.95
N ASN A 2 -13.93 34.76 22.33
CA ASN A 2 -13.12 33.92 21.46
C ASN A 2 -13.80 32.59 21.09
N LEU A 3 -13.30 31.93 20.06
CA LEU A 3 -13.68 30.56 19.76
C LEU A 3 -13.03 29.62 20.77
N VAL A 4 -13.82 28.93 21.59
CA VAL A 4 -13.24 28.08 22.62
C VAL A 4 -13.46 26.59 22.34
N LEU A 5 -12.39 25.82 22.48
CA LEU A 5 -12.49 24.38 22.34
C LEU A 5 -12.17 23.70 23.66
N TYR A 6 -13.17 23.03 24.22
CA TYR A 6 -12.96 22.21 25.40
C TYR A 6 -12.37 20.90 24.95
N THR A 7 -11.14 20.63 25.37
CA THR A 7 -10.36 19.59 24.73
C THR A 7 -9.30 18.97 25.63
N LEU A 8 -8.72 17.89 25.14
CA LEU A 8 -7.59 17.23 25.76
C LEU A 8 -6.73 16.71 24.63
N HIS A 9 -5.45 17.04 24.63
CA HIS A 9 -4.61 16.76 23.47
C HIS A 9 -4.46 15.26 23.23
N LEU A 10 -4.54 14.46 24.29
CA LEU A 10 -4.49 13.01 24.15
C LEU A 10 -5.64 12.49 23.30
N SER A 11 -6.79 13.13 23.42
CA SER A 11 -8.00 12.71 22.73
C SER A 11 -7.90 12.86 21.21
N PRO A 12 -8.08 11.75 20.47
CA PRO A 12 -8.05 11.77 19.01
C PRO A 12 -9.10 12.70 18.37
N PRO A 13 -10.38 12.64 18.78
CA PRO A 13 -11.30 13.56 18.09
C PRO A 13 -10.98 15.02 18.39
N CYS A 14 -10.33 15.28 19.52
CA CYS A 14 -9.91 16.63 19.85
C CYS A 14 -8.79 17.08 18.92
N ARG A 15 -7.90 16.16 18.59
CA ARG A 15 -6.81 16.45 17.68
C ARG A 15 -7.33 16.62 16.25
N ALA A 16 -8.44 15.96 15.95
CA ALA A 16 -9.06 16.07 14.64
C ALA A 16 -9.56 17.49 14.39
N VAL A 17 -10.11 18.11 15.44
CA VAL A 17 -10.58 19.48 15.36
C VAL A 17 -9.41 20.46 15.26
N GLU A 18 -8.40 20.23 16.09
CA GLU A 18 -7.21 21.08 16.09
C GLU A 18 -6.55 21.13 14.70
N LEU A 19 -6.44 19.98 14.05
CA LEU A 19 -5.92 19.90 12.69
C LEU A 19 -6.77 20.76 11.74
N THR A 20 -8.08 20.61 11.86
CA THR A 20 -9.02 21.38 11.06
C THR A 20 -8.83 22.88 11.29
N ALA A 21 -8.68 23.25 12.56
CA ALA A 21 -8.44 24.65 12.92
C ALA A 21 -7.15 25.17 12.29
N LYS A 22 -6.12 24.33 12.27
CA LYS A 22 -4.84 24.68 11.65
C LYS A 22 -4.99 24.84 10.13
N ALA A 23 -5.65 23.87 9.51
CA ALA A 23 -5.86 23.90 8.06
C ALA A 23 -6.69 25.11 7.63
N LEU A 24 -7.52 25.61 8.53
CA LEU A 24 -8.39 26.76 8.23
C LEU A 24 -7.72 28.07 8.59
N GLY A 25 -6.64 28.00 9.35
CA GLY A 25 -5.97 29.20 9.84
C GLY A 25 -6.79 29.84 10.94
N LEU A 26 -7.59 29.03 11.62
CA LEU A 26 -8.42 29.50 12.72
C LEU A 26 -7.66 29.49 14.04
N GLU A 27 -7.98 30.44 14.91
CA GLU A 27 -7.40 30.48 16.23
C GLU A 27 -8.42 29.96 17.25
N LEU A 28 -8.16 28.77 17.79
CA LEU A 28 -9.01 28.18 18.81
C LEU A 28 -8.38 28.32 20.18
N GLU A 29 -9.07 29.01 21.09
CA GLU A 29 -8.64 29.03 22.48
C GLU A 29 -8.98 27.68 23.10
N GLN A 30 -7.96 26.98 23.58
CA GLN A 30 -8.18 25.66 24.15
C GLN A 30 -8.31 25.74 25.66
N LYS A 31 -9.34 25.11 26.19
CA LYS A 31 -9.50 24.95 27.62
C LYS A 31 -9.48 23.46 27.94
N THR A 32 -8.54 23.06 28.79
CA THR A 32 -8.28 21.66 29.05
C THR A 32 -9.34 21.01 29.92
N ILE A 33 -9.96 19.95 29.39
CA ILE A 33 -10.84 19.09 30.17
C ILE A 33 -10.10 17.80 30.45
N ASN A 34 -9.67 17.62 31.70
CA ASN A 34 -8.93 16.42 32.07
C ASN A 34 -9.85 15.24 32.27
N LEU A 35 -9.92 14.37 31.27
CA LEU A 35 -10.73 13.16 31.36
C LEU A 35 -10.29 12.29 32.52
N LEU A 36 -8.99 12.25 32.78
CA LEU A 36 -8.44 11.36 33.80
C LEU A 36 -8.90 11.73 35.21
N THR A 37 -9.14 13.01 35.46
CA THR A 37 -9.62 13.44 36.78
C THR A 37 -11.13 13.61 36.80
N GLY A 38 -11.79 13.21 35.71
CA GLY A 38 -13.24 13.25 35.63
C GLY A 38 -13.85 14.63 35.47
N ASP A 39 -13.11 15.55 34.85
CA ASP A 39 -13.60 16.91 34.65
C ASP A 39 -14.83 16.95 33.75
N HIS A 40 -14.93 15.96 32.86
CA HIS A 40 -16.03 15.91 31.91
C HIS A 40 -17.34 15.44 32.57
N LEU A 41 -17.24 14.96 33.80
CA LEU A 41 -18.41 14.47 34.52
C LEU A 41 -18.95 15.53 35.50
N LYS A 42 -18.22 16.63 35.64
CA LYS A 42 -18.66 17.73 36.47
C LYS A 42 -19.88 18.41 35.85
N PRO A 43 -20.79 18.93 36.69
CA PRO A 43 -22.06 19.51 36.24
C PRO A 43 -21.90 20.67 35.26
N GLU A 44 -20.84 21.46 35.41
CA GLU A 44 -20.60 22.60 34.54
C GLU A 44 -20.30 22.17 33.11
N PHE A 45 -19.65 21.02 32.94
CA PHE A 45 -19.37 20.52 31.61
C PHE A 45 -20.53 19.71 31.06
N VAL A 46 -21.22 18.99 31.94
CA VAL A 46 -22.38 18.20 31.53
C VAL A 46 -23.47 19.12 30.97
N LYS A 47 -23.57 20.33 31.52
CA LYS A 47 -24.48 21.33 31.00
C LYS A 47 -24.18 21.64 29.53
N LEU A 48 -22.90 21.69 29.19
CA LEU A 48 -22.50 21.96 27.83
C LEU A 48 -22.73 20.75 26.93
N ASN A 49 -22.46 19.56 27.48
CA ASN A 49 -22.64 18.33 26.73
C ASN A 49 -23.18 17.23 27.63
N PRO A 50 -24.47 16.89 27.46
CA PRO A 50 -25.11 15.86 28.28
C PRO A 50 -24.49 14.50 28.05
N GLN A 51 -23.85 14.31 26.90
CA GLN A 51 -23.14 13.08 26.60
C GLN A 51 -21.74 13.09 27.21
N HIS A 52 -21.41 14.18 27.90
CA HIS A 52 -20.13 14.39 28.58
C HIS A 52 -18.92 13.85 27.82
N THR A 53 -18.78 14.26 26.56
CA THR A 53 -17.61 13.94 25.78
C THR A 53 -16.91 15.21 25.28
N ILE A 54 -15.62 15.06 24.98
CA ILE A 54 -14.86 16.10 24.30
C ILE A 54 -14.55 15.59 22.90
N PRO A 55 -14.33 16.49 21.93
CA PRO A 55 -14.28 17.95 22.04
C PRO A 55 -15.66 18.62 22.12
N VAL A 56 -15.69 19.81 22.71
CA VAL A 56 -16.86 20.67 22.69
C VAL A 56 -16.42 22.07 22.28
N LEU A 57 -17.14 22.66 21.33
CA LEU A 57 -16.81 23.99 20.85
C LEU A 57 -17.76 25.03 21.41
N ASP A 58 -17.20 26.15 21.87
CA ASP A 58 -18.00 27.29 22.30
C ASP A 58 -17.73 28.45 21.33
N ASP A 59 -18.69 28.70 20.44
CA ASP A 59 -18.60 29.80 19.49
C ASP A 59 -19.48 30.95 19.92
N ASN A 60 -18.96 31.76 20.85
CA ASN A 60 -19.68 32.93 21.35
C ASN A 60 -21.06 32.56 21.89
N GLY A 61 -21.09 31.61 22.82
CA GLY A 61 -22.34 31.19 23.44
C GLY A 61 -22.99 30.03 22.73
N THR A 62 -22.69 29.89 21.44
CA THR A 62 -23.20 28.78 20.65
C THR A 62 -22.39 27.52 20.89
N ILE A 63 -23.00 26.54 21.55
CA ILE A 63 -22.32 25.30 21.90
C ILE A 63 -22.47 24.26 20.80
N ILE A 64 -21.34 23.70 20.35
CA ILE A 64 -21.36 22.65 19.34
C ILE A 64 -20.60 21.44 19.86
N THR A 65 -21.26 20.28 19.85
CA THR A 65 -20.65 19.05 20.35
C THR A 65 -20.24 18.12 19.20
N GLU A 66 -19.41 17.13 19.52
CA GLU A 66 -18.98 16.07 18.59
C GLU A 66 -18.01 16.60 17.54
N SER A 67 -16.87 15.92 17.40
CA SER A 67 -15.75 16.41 16.60
C SER A 67 -16.10 16.64 15.13
N HIS A 68 -16.78 15.68 14.52
CA HIS A 68 -17.12 15.78 13.11
C HIS A 68 -18.08 16.93 12.85
N ALA A 69 -19.08 17.07 13.72
CA ALA A 69 -20.01 18.18 13.62
C ALA A 69 -19.29 19.51 13.80
N ILE A 70 -18.31 19.53 14.71
CA ILE A 70 -17.51 20.72 14.93
C ILE A 70 -16.69 21.06 13.69
N MET A 71 -16.05 20.05 13.12
CA MET A 71 -15.23 20.25 11.93
C MET A 71 -16.05 20.76 10.74
N ILE A 72 -17.20 20.15 10.52
CA ILE A 72 -18.11 20.60 9.46
C ILE A 72 -18.55 22.04 9.70
N TYR A 73 -18.91 22.34 10.94
CA TYR A 73 -19.31 23.69 11.32
C TYR A 73 -18.18 24.70 11.07
N LEU A 74 -16.97 24.35 11.46
CA LEU A 74 -15.83 25.27 11.30
C LEU A 74 -15.55 25.59 9.83
N VAL A 75 -15.52 24.56 8.98
CA VAL A 75 -15.26 24.77 7.56
C VAL A 75 -16.39 25.57 6.92
N THR A 76 -17.62 25.22 7.25
CA THR A 76 -18.79 25.88 6.70
C THR A 76 -18.80 27.37 7.05
N LYS A 77 -18.47 27.68 8.29
CA LYS A 77 -18.59 29.03 8.80
C LYS A 77 -17.35 29.89 8.53
N TYR A 78 -16.16 29.30 8.59
CA TYR A 78 -14.94 30.08 8.51
C TYR A 78 -14.02 29.69 7.36
N GLY A 79 -14.38 28.64 6.63
CA GLY A 79 -13.60 28.23 5.48
C GLY A 79 -13.72 29.25 4.36
N LYS A 80 -12.60 29.61 3.75
CA LYS A 80 -12.60 30.56 2.65
C LYS A 80 -12.55 29.81 1.32
N ASP A 81 -12.46 28.49 1.41
CA ASP A 81 -12.63 27.60 0.27
C ASP A 81 -13.19 26.28 0.78
N ASP A 82 -13.87 25.53 -0.08
CA ASP A 82 -14.56 24.32 0.35
C ASP A 82 -13.75 23.05 0.12
N SER A 83 -12.43 23.18 -0.01
CA SER A 83 -11.59 22.02 -0.27
C SER A 83 -11.65 21.00 0.87
N LEU A 84 -11.72 21.50 2.10
CA LEU A 84 -11.74 20.62 3.28
C LEU A 84 -13.11 19.98 3.48
N TYR A 85 -14.15 20.60 2.93
CA TYR A 85 -15.50 20.10 3.04
C TYR A 85 -16.36 20.71 1.94
N PRO A 86 -16.45 20.01 0.80
CA PRO A 86 -17.07 20.50 -0.43
C PRO A 86 -18.53 20.94 -0.27
N LYS A 87 -18.96 21.88 -1.12
CA LYS A 87 -20.36 22.27 -1.19
C LYS A 87 -21.13 21.33 -2.11
N ASP A 88 -20.46 20.82 -3.14
CA ASP A 88 -21.06 19.87 -4.06
C ASP A 88 -21.58 18.65 -3.33
N PRO A 89 -22.88 18.35 -3.50
CA PRO A 89 -23.58 17.26 -2.81
C PRO A 89 -22.88 15.91 -2.95
N VAL A 90 -22.41 15.59 -4.16
CA VAL A 90 -21.78 14.30 -4.40
C VAL A 90 -20.44 14.18 -3.67
N LYS A 91 -19.58 15.18 -3.83
CA LYS A 91 -18.28 15.15 -3.19
C LYS A 91 -18.42 15.26 -1.67
N GLN A 92 -19.35 16.12 -1.24
CA GLN A 92 -19.62 16.28 0.19
C GLN A 92 -20.09 14.95 0.79
N ALA A 93 -20.90 14.23 0.03
CA ALA A 93 -21.40 12.93 0.49
C ALA A 93 -20.25 11.95 0.72
N ARG A 94 -19.24 12.02 -0.12
CA ARG A 94 -18.09 11.13 0.00
C ARG A 94 -17.30 11.44 1.27
N VAL A 95 -17.22 12.73 1.61
CA VAL A 95 -16.59 13.12 2.86
C VAL A 95 -17.41 12.65 4.06
N ASN A 96 -18.72 12.89 4.00
CA ASN A 96 -19.61 12.48 5.08
C ASN A 96 -19.57 10.98 5.33
N SER A 97 -19.51 10.21 4.25
CA SER A 97 -19.42 8.76 4.35
C SER A 97 -18.15 8.36 5.08
N ALA A 98 -17.03 8.99 4.73
CA ALA A 98 -15.76 8.72 5.38
C ALA A 98 -15.77 9.18 6.84
N LEU A 99 -16.40 10.33 7.10
CA LEU A 99 -16.51 10.83 8.46
C LEU A 99 -17.26 9.84 9.36
N HIS A 100 -18.36 9.31 8.84
CA HIS A 100 -19.15 8.36 9.61
C HIS A 100 -18.47 7.01 9.69
N PHE A 101 -17.64 6.70 8.70
CA PHE A 101 -16.81 5.50 8.77
C PHE A 101 -15.84 5.62 9.93
N GLU A 102 -15.30 6.82 10.09
CA GLU A 102 -14.34 7.07 11.17
C GLU A 102 -15.02 6.91 12.53
N SER A 103 -16.18 7.54 12.70
CA SER A 103 -16.86 7.51 13.99
C SER A 103 -17.45 6.13 14.24
N GLY A 104 -18.05 5.55 13.20
CA GLY A 104 -18.75 4.30 13.33
C GLY A 104 -17.87 3.07 13.40
N VAL A 105 -16.72 3.11 12.74
CA VAL A 105 -15.85 1.94 12.68
C VAL A 105 -14.51 2.19 13.35
N LEU A 106 -13.72 3.12 12.81
CA LEU A 106 -12.36 3.36 13.29
C LEU A 106 -12.34 3.72 14.77
N PHE A 107 -13.00 4.82 15.11
CA PHE A 107 -12.96 5.33 16.47
C PHE A 107 -13.67 4.39 17.44
N ALA A 108 -14.86 3.94 17.06
CA ALA A 108 -15.69 3.11 17.92
C ALA A 108 -14.94 1.84 18.33
N ARG A 109 -14.25 1.22 17.38
CA ARG A 109 -13.52 0.00 17.67
C ARG A 109 -12.23 0.29 18.42
N MET A 110 -11.69 1.50 18.22
CA MET A 110 -10.51 1.90 18.98
C MET A 110 -10.85 2.03 20.47
N ARG A 111 -11.98 2.63 20.79
CA ARG A 111 -12.33 2.80 22.20
C ARG A 111 -12.89 1.50 22.76
N PHE A 112 -13.37 0.63 21.87
N PHE A 112 -13.43 0.66 21.86
CA PHE A 112 -13.82 -0.69 22.29
CA PHE A 112 -13.79 -0.71 22.22
C PHE A 112 -12.60 -1.54 22.70
C PHE A 112 -12.57 -1.37 22.87
N THR A 113 -11.42 -1.10 22.28
CA THR A 113 -10.18 -1.73 22.66
C THR A 113 -9.50 -1.03 23.85
N PHE A 114 -9.57 0.30 23.87
CA PHE A 114 -8.81 1.08 24.86
C PHE A 114 -9.41 1.14 26.27
N GLU A 115 -10.73 1.24 26.36
CA GLU A 115 -11.37 1.59 27.62
C GLU A 115 -11.37 0.47 28.64
N ARG A 116 -11.06 -0.73 28.19
CA ARG A 116 -11.02 -1.81 29.12
C ARG A 116 -9.68 -1.76 29.85
N ILE A 117 -8.65 -1.27 29.14
CA ILE A 117 -7.35 -0.98 29.74
C ILE A 117 -7.34 0.36 30.51
N LEU A 118 -7.99 1.36 29.92
CA LEU A 118 -8.02 2.71 30.49
C LEU A 118 -8.99 2.86 31.66
N PHE A 119 -10.21 2.35 31.51
CA PHE A 119 -11.27 2.63 32.50
C PHE A 119 -11.51 1.47 33.46
N PHE A 120 -11.31 0.24 33.00
CA PHE A 120 -11.60 -0.92 33.82
C PHE A 120 -10.35 -1.60 34.36
N GLY A 121 -9.20 -0.96 34.12
CA GLY A 121 -7.94 -1.40 34.69
C GLY A 121 -7.50 -2.81 34.31
N LYS A 122 -7.77 -3.21 33.07
CA LYS A 122 -7.36 -4.55 32.67
C LYS A 122 -6.08 -4.47 31.87
N SER A 123 -5.33 -5.56 31.86
CA SER A 123 -3.99 -5.57 31.27
C SER A 123 -3.92 -6.44 30.02
N ASP A 124 -5.06 -6.63 29.37
CA ASP A 124 -5.12 -7.49 28.20
C ASP A 124 -6.02 -6.91 27.12
N ILE A 125 -5.92 -7.46 25.91
CA ILE A 125 -6.85 -7.11 24.84
C ILE A 125 -7.42 -8.38 24.24
N PRO A 126 -8.75 -8.56 24.34
CA PRO A 126 -9.38 -9.77 23.80
C PRO A 126 -9.16 -9.82 22.30
N GLU A 127 -8.87 -11.01 21.78
CA GLU A 127 -8.51 -11.15 20.38
C GLU A 127 -9.65 -10.72 19.45
N ASP A 128 -10.89 -10.87 19.90
CA ASP A 128 -12.04 -10.48 19.08
C ASP A 128 -12.05 -8.97 18.84
N ARG A 129 -11.60 -8.22 19.82
CA ARG A 129 -11.52 -6.76 19.70
C ARG A 129 -10.27 -6.38 18.89
N VAL A 130 -9.22 -7.18 19.00
CA VAL A 130 -8.05 -7.04 18.15
C VAL A 130 -8.42 -7.19 16.68
N GLU A 131 -9.15 -8.26 16.39
CA GLU A 131 -9.54 -8.56 15.02
C GLU A 131 -10.48 -7.50 14.47
N TYR A 132 -11.33 -6.97 15.34
CA TYR A 132 -12.24 -5.90 14.92
C TYR A 132 -11.47 -4.66 14.50
N VAL A 133 -10.39 -4.36 15.22
CA VAL A 133 -9.50 -3.27 14.86
C VAL A 133 -8.79 -3.61 13.55
N GLN A 134 -8.25 -4.82 13.46
CA GLN A 134 -7.57 -5.26 12.24
C GLN A 134 -8.44 -5.15 11.01
N LYS A 135 -9.71 -5.51 11.16
CA LYS A 135 -10.63 -5.40 10.03
C LYS A 135 -10.92 -3.95 9.70
N SER A 136 -10.88 -3.08 10.70
CA SER A 136 -11.07 -1.65 10.44
C SER A 136 -9.89 -1.15 9.60
N TYR A 137 -8.70 -1.68 9.88
CA TYR A 137 -7.53 -1.36 9.07
C TYR A 137 -7.75 -1.75 7.63
N GLU A 138 -8.22 -2.98 7.42
CA GLU A 138 -8.51 -3.49 6.09
C GLU A 138 -9.55 -2.63 5.37
N LEU A 139 -10.62 -2.29 6.07
CA LEU A 139 -11.67 -1.46 5.51
C LEU A 139 -11.13 -0.08 5.13
N LEU A 140 -10.27 0.48 5.97
CA LEU A 140 -9.64 1.77 5.67
C LEU A 140 -8.75 1.64 4.45
N GLU A 141 -7.98 0.55 4.40
CA GLU A 141 -7.10 0.26 3.27
C GLU A 141 -7.88 0.20 1.97
N ASP A 142 -9.03 -0.47 2.00
CA ASP A 142 -9.87 -0.60 0.80
C ASP A 142 -10.49 0.73 0.40
N THR A 143 -10.74 1.59 1.38
CA THR A 143 -11.35 2.90 1.13
C THR A 143 -10.38 3.84 0.44
N LEU A 144 -9.10 3.70 0.74
CA LEU A 144 -8.07 4.55 0.15
C LEU A 144 -7.79 4.17 -1.30
N VAL A 145 -8.77 4.38 -2.17
CA VAL A 145 -8.58 4.17 -3.60
C VAL A 145 -7.86 5.36 -4.23
N ASP A 146 -7.97 6.52 -3.60
CA ASP A 146 -7.25 7.71 -4.03
C ASP A 146 -6.22 8.11 -2.96
N ASP A 147 -5.59 9.27 -3.14
CA ASP A 147 -4.55 9.74 -2.23
C ASP A 147 -5.07 9.99 -0.81
N PHE A 148 -6.35 10.31 -0.70
CA PHE A 148 -6.94 10.60 0.61
C PHE A 148 -8.25 9.84 0.76
N VAL A 149 -8.74 9.74 2.00
CA VAL A 149 -9.87 8.87 2.30
C VAL A 149 -11.16 9.24 1.56
N ALA A 150 -11.35 10.52 1.29
CA ALA A 150 -12.57 10.99 0.64
C ALA A 150 -12.31 11.48 -0.78
N GLY A 151 -11.16 11.10 -1.33
CA GLY A 151 -10.84 11.47 -2.70
C GLY A 151 -9.42 11.92 -2.90
N PRO A 152 -9.13 12.53 -4.07
CA PRO A 152 -7.79 12.99 -4.42
C PRO A 152 -7.38 14.25 -3.65
N THR A 153 -8.35 14.88 -3.02
CA THR A 153 -8.10 16.08 -2.22
C THR A 153 -8.20 15.77 -0.73
N MET A 154 -7.29 16.33 0.05
CA MET A 154 -7.35 16.19 1.51
C MET A 154 -8.58 16.92 2.05
N THR A 155 -9.31 16.24 2.95
CA THR A 155 -10.49 16.82 3.57
C THR A 155 -10.47 16.59 5.07
N ILE A 156 -11.48 17.10 5.77
CA ILE A 156 -11.59 16.92 7.21
C ILE A 156 -11.73 15.43 7.58
N ALA A 157 -12.16 14.62 6.63
CA ALA A 157 -12.28 13.18 6.85
C ALA A 157 -10.91 12.54 7.07
N ASP A 158 -9.88 13.14 6.48
CA ASP A 158 -8.51 12.66 6.66
C ASP A 158 -8.00 12.98 8.05
N PHE A 159 -8.37 14.16 8.55
CA PHE A 159 -7.99 14.59 9.88
C PHE A 159 -8.59 13.68 10.94
N SER A 160 -9.86 13.31 10.71
CA SER A 160 -10.57 12.47 11.65
C SER A 160 -9.99 11.07 11.67
N CYS A 161 -9.66 10.54 10.49
CA CYS A 161 -9.12 9.20 10.39
C CYS A 161 -7.69 9.12 10.91
N ILE A 162 -6.86 10.10 10.57
CA ILE A 162 -5.46 10.05 10.99
C ILE A 162 -5.31 10.20 12.51
N SER A 163 -6.20 10.98 13.13
CA SER A 163 -6.13 11.20 14.57
C SER A 163 -6.38 9.90 15.32
N THR A 164 -7.31 9.09 14.81
CA THR A 164 -7.61 7.79 15.39
C THR A 164 -6.56 6.73 15.03
N VAL A 165 -6.18 6.69 13.75
CA VAL A 165 -5.23 5.69 13.26
C VAL A 165 -3.86 5.83 13.93
N SER A 166 -3.40 7.05 14.12
CA SER A 166 -2.09 7.28 14.73
C SER A 166 -2.08 6.91 16.22
N SER A 167 -3.26 6.75 16.81
CA SER A 167 -3.37 6.37 18.21
C SER A 167 -3.47 4.85 18.37
N ILE A 168 -4.33 4.23 17.58
CA ILE A 168 -4.60 2.80 17.68
C ILE A 168 -3.47 1.95 17.10
N MET A 169 -2.74 2.49 16.13
CA MET A 169 -1.66 1.74 15.49
C MET A 169 -0.47 1.56 16.44
N GLY A 170 -0.49 2.29 17.55
CA GLY A 170 0.55 2.14 18.57
C GLY A 170 0.24 1.02 19.53
N VAL A 171 -0.99 0.51 19.47
CA VAL A 171 -1.43 -0.54 20.37
C VAL A 171 -1.70 -1.82 19.60
N VAL A 172 -2.50 -1.71 18.55
CA VAL A 172 -2.72 -2.82 17.61
C VAL A 172 -1.90 -2.58 16.35
N PRO A 173 -0.84 -3.38 16.16
CA PRO A 173 0.11 -3.20 15.06
C PRO A 173 -0.57 -3.10 13.70
N LEU A 174 -0.20 -2.08 12.95
CA LEU A 174 -0.72 -1.89 11.60
C LEU A 174 0.38 -2.29 10.61
N GLU A 175 0.31 -3.53 10.13
CA GLU A 175 1.37 -4.08 9.28
C GLU A 175 1.43 -3.40 7.93
N GLN A 176 2.65 -3.01 7.53
CA GLN A 176 2.83 -2.30 6.26
C GLN A 176 2.70 -3.25 5.08
N SER A 177 2.96 -4.53 5.33
CA SER A 177 2.81 -5.55 4.31
C SER A 177 1.34 -5.73 3.92
N LYS A 178 0.44 -5.54 4.89
CA LYS A 178 -0.99 -5.71 4.63
C LYS A 178 -1.68 -4.39 4.31
N HIS A 179 -1.12 -3.29 4.81
CA HIS A 179 -1.77 -1.99 4.62
C HIS A 179 -0.80 -0.92 4.10
N PRO A 180 -0.27 -1.11 2.88
CA PRO A 180 0.68 -0.13 2.35
C PRO A 180 0.03 1.21 2.00
N ARG A 181 -1.24 1.19 1.61
CA ARG A 181 -1.95 2.41 1.26
C ARG A 181 -2.10 3.34 2.47
N ILE A 182 -2.36 2.74 3.62
CA ILE A 182 -2.51 3.49 4.86
C ILE A 182 -1.20 4.22 5.19
N TYR A 183 -0.08 3.52 5.06
CA TYR A 183 1.22 4.11 5.34
C TYR A 183 1.57 5.21 4.37
N ALA A 184 1.23 5.04 3.10
CA ALA A 184 1.46 6.08 2.10
C ALA A 184 0.59 7.29 2.41
N TRP A 185 -0.62 7.02 2.87
CA TRP A 185 -1.56 8.07 3.25
C TRP A 185 -1.09 8.80 4.51
N ILE A 186 -0.54 8.04 5.46
CA ILE A 186 0.05 8.64 6.65
C ILE A 186 1.20 9.58 6.26
N ASP A 187 2.02 9.14 5.32
CA ASP A 187 3.18 9.92 4.87
C ASP A 187 2.78 11.23 4.18
N ARG A 188 1.64 11.23 3.49
CA ARG A 188 1.15 12.46 2.88
C ARG A 188 0.77 13.47 3.94
N LEU A 189 0.08 13.01 4.98
CA LEU A 189 -0.35 13.89 6.05
C LEU A 189 0.82 14.37 6.89
N LYS A 190 1.87 13.55 6.97
CA LYS A 190 3.08 13.94 7.69
C LYS A 190 3.81 15.08 6.98
N GLN A 191 3.48 15.30 5.72
CA GLN A 191 4.08 16.39 4.96
C GLN A 191 3.43 17.72 5.31
N LEU A 192 2.30 17.68 6.00
CA LEU A 192 1.71 18.88 6.57
C LEU A 192 2.64 19.39 7.66
N PRO A 193 3.07 20.66 7.55
CA PRO A 193 4.03 21.23 8.49
C PRO A 193 3.54 21.22 9.95
N TYR A 194 2.23 21.30 10.13
CA TYR A 194 1.67 21.35 11.48
C TYR A 194 1.23 19.98 11.99
N TYR A 195 1.50 18.93 11.23
CA TYR A 195 1.01 17.59 11.60
C TYR A 195 1.57 17.08 12.91
N GLU A 196 2.89 17.12 13.06
CA GLU A 196 3.55 16.54 14.23
C GLU A 196 3.18 17.28 15.52
N GLU A 197 3.17 18.61 15.46
CA GLU A 197 2.83 19.41 16.62
C GLU A 197 1.40 19.15 17.08
N VAL A 198 0.48 19.04 16.13
CA VAL A 198 -0.93 18.95 16.46
C VAL A 198 -1.37 17.52 16.71
N ASN A 199 -1.03 16.60 15.81
CA ASN A 199 -1.49 15.23 15.95
C ASN A 199 -0.40 14.21 16.21
N GLY A 200 0.75 14.39 15.56
CA GLY A 200 1.86 13.46 15.65
C GLY A 200 2.15 13.03 17.08
N GLY A 201 2.52 14.01 17.91
CA GLY A 201 2.82 13.75 19.30
C GLY A 201 1.65 13.19 20.09
N GLY A 202 0.47 13.79 19.91
CA GLY A 202 -0.71 13.38 20.65
C GLY A 202 -1.11 11.93 20.42
N GLY A 203 -1.09 11.52 19.15
CA GLY A 203 -1.45 10.16 18.79
C GLY A 203 -0.48 9.13 19.33
N THR A 204 0.80 9.40 19.13
CA THR A 204 1.85 8.52 19.64
C THR A 204 1.75 8.42 21.16
N ASP A 205 1.47 9.56 21.80
CA ASP A 205 1.36 9.61 23.26
C ASP A 205 0.17 8.79 23.79
N LEU A 206 -0.98 8.90 23.15
CA LEU A 206 -2.15 8.14 23.58
C LEU A 206 -1.91 6.64 23.42
N GLY A 207 -1.35 6.26 22.28
CA GLY A 207 -1.00 4.88 22.03
C GLY A 207 -0.03 4.38 23.07
N LYS A 208 1.00 5.18 23.36
CA LYS A 208 1.96 4.86 24.39
C LYS A 208 1.32 4.86 25.78
N PHE A 209 0.33 5.73 25.97
CA PHE A 209 -0.38 5.80 27.24
C PHE A 209 -1.12 4.50 27.51
N VAL A 210 -1.81 3.98 26.49
CA VAL A 210 -2.53 2.72 26.60
C VAL A 210 -1.58 1.56 26.93
N LEU A 211 -0.47 1.49 26.20
CA LEU A 211 0.52 0.44 26.44
C LEU A 211 1.10 0.57 27.84
N ALA A 212 1.38 1.80 28.26
CA ALA A 212 1.91 2.06 29.58
C ALA A 212 0.90 1.64 30.66
N LYS A 213 -0.37 1.97 30.44
CA LYS A 213 -1.42 1.60 31.38
C LYS A 213 -1.63 0.09 31.43
N LYS A 214 -1.52 -0.56 30.27
CA LYS A 214 -1.66 -2.00 30.18
C LYS A 214 -0.63 -2.71 31.05
N GLU A 215 0.62 -2.27 30.95
CA GLU A 215 1.72 -2.80 31.76
C GLU A 215 1.52 -2.47 33.24
N GLU A 216 1.05 -1.26 33.50
CA GLU A 216 0.84 -0.79 34.87
C GLU A 216 -0.31 -1.55 35.54
N ASN A 217 -1.36 -1.84 34.77
CA ASN A 217 -2.48 -2.63 35.27
C ASN A 217 -2.08 -4.09 35.48
N ALA A 218 -0.81 -4.39 35.30
CA ALA A 218 -0.32 -5.75 35.45
C ALA A 218 0.66 -5.83 36.57
N LYS A 219 0.63 -4.82 37.43
CA LYS A 219 1.49 -4.79 38.62
C LYS A 219 0.75 -4.48 39.93
N SER B 1 -34.45 8.31 -13.94
CA SER B 1 -35.16 7.12 -13.47
C SER B 1 -35.19 7.26 -11.95
N ASN B 2 -35.77 6.35 -11.17
CA ASN B 2 -35.93 6.77 -9.78
C ASN B 2 -34.61 6.41 -9.15
N LEU B 3 -34.51 6.68 -7.85
CA LEU B 3 -33.34 6.37 -7.04
C LEU B 3 -33.28 4.87 -6.75
N VAL B 4 -32.09 4.32 -6.87
CA VAL B 4 -31.85 2.92 -6.55
C VAL B 4 -31.12 2.80 -5.22
N LEU B 5 -31.64 1.96 -4.34
CA LEU B 5 -31.03 1.74 -3.04
C LEU B 5 -30.69 0.27 -2.85
N TYR B 6 -29.40 -0.02 -2.77
CA TYR B 6 -28.96 -1.37 -2.41
C TYR B 6 -29.18 -1.53 -0.93
N THR B 7 -30.08 -2.43 -0.57
CA THR B 7 -30.66 -2.39 0.78
C THR B 7 -31.12 -3.75 1.30
N LEU B 8 -31.54 -3.75 2.55
CA LEU B 8 -32.13 -4.90 3.21
C LEU B 8 -33.01 -4.37 4.32
N HIS B 9 -34.27 -4.81 4.34
CA HIS B 9 -35.26 -4.23 5.25
C HIS B 9 -34.89 -4.44 6.73
N LEU B 10 -34.22 -5.55 7.03
CA LEU B 10 -33.81 -5.84 8.41
C LEU B 10 -32.74 -4.86 8.89
N SER B 11 -32.00 -4.27 7.95
CA SER B 11 -30.89 -3.39 8.27
C SER B 11 -31.34 -2.03 8.78
N PRO B 12 -30.93 -1.67 10.01
CA PRO B 12 -31.24 -0.36 10.60
C PRO B 12 -30.79 0.85 9.76
N PRO B 13 -29.53 0.88 9.26
CA PRO B 13 -29.20 2.09 8.48
C PRO B 13 -29.95 2.15 7.15
N CYS B 14 -30.39 1.01 6.67
CA CYS B 14 -31.20 0.97 5.47
C CYS B 14 -32.58 1.59 5.72
N ARG B 15 -33.17 1.23 6.86
CA ARG B 15 -34.49 1.74 7.21
C ARG B 15 -34.46 3.24 7.52
N ALA B 16 -33.32 3.72 8.01
CA ALA B 16 -33.17 5.15 8.26
C ALA B 16 -33.26 5.93 6.96
N VAL B 17 -32.64 5.40 5.92
CA VAL B 17 -32.68 6.02 4.60
C VAL B 17 -34.08 5.93 4.00
N GLU B 18 -34.74 4.79 4.19
CA GLU B 18 -36.09 4.61 3.71
C GLU B 18 -37.06 5.56 4.41
N LEU B 19 -36.84 5.80 5.71
CA LEU B 19 -37.63 6.77 6.44
C LEU B 19 -37.47 8.16 5.84
N THR B 20 -36.23 8.51 5.52
CA THR B 20 -35.91 9.80 4.95
C THR B 20 -36.61 9.99 3.60
N ALA B 21 -36.54 8.96 2.75
CA ALA B 21 -37.18 9.01 1.44
C ALA B 21 -38.69 9.24 1.56
N LYS B 22 -39.33 8.51 2.45
CA LYS B 22 -40.76 8.67 2.68
C LYS B 22 -41.09 10.08 3.16
N ALA B 23 -40.25 10.62 4.04
CA ALA B 23 -40.45 11.97 4.53
C ALA B 23 -40.23 12.99 3.42
N LEU B 24 -39.41 12.62 2.43
CA LEU B 24 -39.11 13.48 1.30
C LEU B 24 -40.03 13.20 0.12
N GLY B 25 -40.87 12.18 0.25
CA GLY B 25 -41.78 11.82 -0.81
C GLY B 25 -41.06 11.26 -2.01
N LEU B 26 -39.87 10.71 -1.77
CA LEU B 26 -39.08 10.10 -2.85
C LEU B 26 -39.39 8.62 -2.96
N GLU B 27 -39.43 8.12 -4.19
CA GLU B 27 -39.61 6.69 -4.42
C GLU B 27 -38.27 6.01 -4.62
N LEU B 28 -37.98 5.03 -3.77
CA LEU B 28 -36.74 4.28 -3.85
C LEU B 28 -36.96 2.92 -4.51
N GLU B 29 -36.38 2.72 -5.67
CA GLU B 29 -36.37 1.38 -6.26
C GLU B 29 -35.33 0.54 -5.53
N GLN B 30 -35.80 -0.42 -4.74
CA GLN B 30 -34.92 -1.19 -3.87
C GLN B 30 -34.25 -2.36 -4.59
N LYS B 31 -32.94 -2.50 -4.38
CA LYS B 31 -32.22 -3.69 -4.81
C LYS B 31 -31.73 -4.42 -3.56
N THR B 32 -32.32 -5.57 -3.29
CA THR B 32 -32.04 -6.29 -2.06
C THR B 32 -30.66 -6.93 -2.06
N ILE B 33 -29.90 -6.66 -1.01
CA ILE B 33 -28.61 -7.28 -0.80
C ILE B 33 -28.68 -8.16 0.45
N ASN B 34 -28.77 -9.47 0.25
CA ASN B 34 -28.85 -10.39 1.38
C ASN B 34 -27.47 -10.59 2.00
N LEU B 35 -27.27 -10.05 3.20
CA LEU B 35 -25.99 -10.16 3.88
C LEU B 35 -25.72 -11.58 4.33
N LEU B 36 -26.78 -12.33 4.60
CA LEU B 36 -26.65 -13.70 5.09
C LEU B 36 -26.06 -14.63 4.02
N THR B 37 -26.35 -14.34 2.76
CA THR B 37 -25.80 -15.11 1.66
C THR B 37 -24.56 -14.43 1.09
N GLY B 38 -24.12 -13.36 1.75
CA GLY B 38 -22.91 -12.68 1.39
C GLY B 38 -22.97 -11.92 0.07
N ASP B 39 -24.15 -11.42 -0.27
CA ASP B 39 -24.32 -10.65 -1.51
C ASP B 39 -23.46 -9.39 -1.49
N HIS B 40 -23.17 -8.88 -0.29
CA HIS B 40 -22.41 -7.65 -0.14
C HIS B 40 -20.91 -7.89 -0.33
N LEU B 41 -20.52 -9.15 -0.37
CA LEU B 41 -19.11 -9.49 -0.57
C LEU B 41 -18.82 -9.82 -2.04
N LYS B 42 -19.84 -9.63 -2.88
CA LYS B 42 -19.71 -9.89 -4.31
C LYS B 42 -18.94 -8.77 -5.01
N PRO B 43 -18.11 -9.14 -6.00
CA PRO B 43 -17.23 -8.21 -6.74
C PRO B 43 -17.98 -7.01 -7.30
N GLU B 44 -19.16 -7.22 -7.86
CA GLU B 44 -19.94 -6.16 -8.45
C GLU B 44 -20.42 -5.16 -7.40
N PHE B 45 -20.65 -5.65 -6.17
CA PHE B 45 -21.08 -4.76 -5.10
C PHE B 45 -19.88 -4.12 -4.41
N VAL B 46 -18.79 -4.87 -4.28
CA VAL B 46 -17.57 -4.33 -3.68
C VAL B 46 -17.07 -3.15 -4.52
N LYS B 47 -17.27 -3.24 -5.82
CA LYS B 47 -16.95 -2.14 -6.72
C LYS B 47 -17.74 -0.89 -6.35
N LEU B 48 -19.00 -1.08 -5.97
CA LEU B 48 -19.85 0.03 -5.56
C LEU B 48 -19.42 0.58 -4.21
N ASN B 49 -19.05 -0.32 -3.30
CA ASN B 49 -18.63 0.08 -1.96
C ASN B 49 -17.53 -0.83 -1.42
N PRO B 50 -16.28 -0.35 -1.41
CA PRO B 50 -15.13 -1.13 -0.96
C PRO B 50 -15.24 -1.54 0.50
N GLN B 51 -16.04 -0.82 1.28
CA GLN B 51 -16.30 -1.19 2.67
C GLN B 51 -17.38 -2.27 2.74
N HIS B 52 -17.90 -2.65 1.58
CA HIS B 52 -18.95 -3.67 1.41
C HIS B 52 -20.04 -3.64 2.48
N THR B 53 -20.58 -2.45 2.71
CA THR B 53 -21.71 -2.29 3.62
C THR B 53 -22.95 -1.79 2.88
N ILE B 54 -24.11 -1.95 3.51
CA ILE B 54 -25.34 -1.37 3.02
C ILE B 54 -25.83 -0.37 4.06
N PRO B 55 -26.60 0.65 3.65
CA PRO B 55 -27.12 0.89 2.30
C PRO B 55 -26.14 1.59 1.37
N VAL B 56 -26.42 1.49 0.07
CA VAL B 56 -25.69 2.21 -0.95
C VAL B 56 -26.72 2.81 -1.91
N LEU B 57 -26.60 4.11 -2.15
CA LEU B 57 -27.54 4.79 -3.05
C LEU B 57 -26.98 4.89 -4.46
N ASP B 58 -27.82 4.60 -5.44
CA ASP B 58 -27.49 4.84 -6.84
C ASP B 58 -28.44 5.89 -7.39
N ASP B 59 -27.95 7.13 -7.47
CA ASP B 59 -28.70 8.22 -8.06
C ASP B 59 -28.29 8.38 -9.51
N ASN B 60 -28.96 7.65 -10.40
CA ASN B 60 -28.76 7.77 -11.84
C ASN B 60 -27.29 7.65 -12.26
N GLY B 61 -26.60 6.67 -11.72
CA GLY B 61 -25.20 6.46 -12.05
C GLY B 61 -24.25 6.93 -10.96
N THR B 62 -24.73 7.83 -10.11
CA THR B 62 -23.91 8.37 -9.03
C THR B 62 -24.04 7.52 -7.77
N ILE B 63 -22.92 7.05 -7.26
CA ILE B 63 -22.92 6.18 -6.09
C ILE B 63 -22.65 6.95 -4.80
N ILE B 64 -23.56 6.78 -3.84
CA ILE B 64 -23.42 7.38 -2.53
C ILE B 64 -23.50 6.30 -1.47
N THR B 65 -22.46 6.19 -0.64
CA THR B 65 -22.42 5.15 0.39
C THR B 65 -22.71 5.72 1.77
N GLU B 66 -23.01 4.81 2.71
CA GLU B 66 -23.24 5.14 4.12
C GLU B 66 -24.56 5.89 4.31
N SER B 67 -25.39 5.37 5.23
CA SER B 67 -26.76 5.85 5.40
C SER B 67 -26.84 7.35 5.72
N HIS B 68 -26.00 7.80 6.65
CA HIS B 68 -26.04 9.20 7.08
C HIS B 68 -25.66 10.15 5.94
N ALA B 69 -24.64 9.77 5.19
CA ALA B 69 -24.23 10.55 4.02
C ALA B 69 -25.35 10.56 2.98
N ILE B 70 -25.97 9.41 2.78
CA ILE B 70 -27.09 9.28 1.86
C ILE B 70 -28.26 10.16 2.28
N MET B 71 -28.60 10.10 3.56
CA MET B 71 -29.69 10.90 4.11
C MET B 71 -29.46 12.39 3.92
N ILE B 72 -28.25 12.83 4.22
CA ILE B 72 -27.86 14.22 3.98
C ILE B 72 -27.95 14.57 2.49
N TYR B 73 -27.48 13.64 1.66
CA TYR B 73 -27.48 13.85 0.22
C TYR B 73 -28.89 14.00 -0.33
N LEU B 74 -29.80 13.15 0.13
CA LEU B 74 -31.19 13.18 -0.35
C LEU B 74 -31.90 14.48 0.03
N VAL B 75 -31.78 14.88 1.28
CA VAL B 75 -32.42 16.11 1.74
C VAL B 75 -31.86 17.32 1.01
N THR B 76 -30.54 17.39 0.92
CA THR B 76 -29.86 18.47 0.21
C THR B 76 -30.28 18.53 -1.25
N LYS B 77 -30.36 17.37 -1.88
CA LYS B 77 -30.61 17.27 -3.31
C LYS B 77 -32.08 17.45 -3.66
N TYR B 78 -32.96 16.81 -2.88
CA TYR B 78 -34.37 16.72 -3.28
C TYR B 78 -35.34 17.28 -2.25
N GLY B 79 -34.82 17.78 -1.13
CA GLY B 79 -35.68 18.36 -0.11
C GLY B 79 -36.32 19.65 -0.56
N LYS B 80 -37.64 19.71 -0.49
CA LYS B 80 -38.35 20.93 -0.84
C LYS B 80 -38.08 22.01 0.21
N ASP B 81 -37.85 21.59 1.44
CA ASP B 81 -37.39 22.47 2.50
C ASP B 81 -36.29 21.77 3.29
N ASP B 82 -35.69 22.48 4.24
CA ASP B 82 -34.53 21.97 4.95
C ASP B 82 -34.82 21.52 6.37
N SER B 83 -36.08 21.28 6.68
CA SER B 83 -36.45 20.95 8.06
C SER B 83 -35.82 19.64 8.53
N LEU B 84 -35.56 18.73 7.60
CA LEU B 84 -34.95 17.44 7.94
C LEU B 84 -33.45 17.53 8.12
N TYR B 85 -32.84 18.53 7.47
CA TYR B 85 -31.40 18.78 7.60
C TYR B 85 -31.12 20.25 7.31
N PRO B 86 -31.13 21.08 8.37
CA PRO B 86 -31.08 22.54 8.23
C PRO B 86 -29.86 23.04 7.48
N LYS B 87 -30.03 24.14 6.76
CA LYS B 87 -28.93 24.79 6.07
C LYS B 87 -28.15 25.65 7.05
N ASP B 88 -28.86 26.13 8.08
CA ASP B 88 -28.25 26.94 9.13
C ASP B 88 -27.19 26.15 9.88
N PRO B 89 -25.96 26.67 9.90
CA PRO B 89 -24.79 25.95 10.42
C PRO B 89 -24.97 25.45 11.84
N VAL B 90 -25.59 26.25 12.71
CA VAL B 90 -25.77 25.87 14.11
C VAL B 90 -26.71 24.68 14.27
N LYS B 91 -27.92 24.81 13.73
CA LYS B 91 -28.90 23.74 13.82
C LYS B 91 -28.43 22.51 13.04
N GLN B 92 -27.74 22.74 11.94
CA GLN B 92 -27.15 21.65 11.17
C GLN B 92 -26.14 20.89 12.02
N ALA B 93 -25.37 21.62 12.81
CA ALA B 93 -24.34 21.04 13.66
C ALA B 93 -24.96 20.11 14.70
N ARG B 94 -26.12 20.51 15.23
CA ARG B 94 -26.81 19.72 16.23
C ARG B 94 -27.31 18.41 15.62
N VAL B 95 -27.71 18.46 14.36
CA VAL B 95 -28.12 17.26 13.65
C VAL B 95 -26.92 16.34 13.42
N ASN B 96 -25.85 16.91 12.87
CA ASN B 96 -24.63 16.14 12.60
C ASN B 96 -24.07 15.49 13.86
N SER B 97 -24.13 16.22 14.96
CA SER B 97 -23.71 15.68 16.25
C SER B 97 -24.53 14.45 16.60
N ALA B 98 -25.84 14.54 16.37
CA ALA B 98 -26.74 13.42 16.64
C ALA B 98 -26.49 12.25 15.69
N LEU B 99 -26.21 12.56 14.43
CA LEU B 99 -25.94 11.54 13.44
C LEU B 99 -24.69 10.74 13.80
N HIS B 100 -23.65 11.44 14.24
CA HIS B 100 -22.40 10.78 14.59
C HIS B 100 -22.48 10.09 15.94
N PHE B 101 -23.40 10.56 16.78
CA PHE B 101 -23.70 9.84 18.02
C PHE B 101 -24.31 8.48 17.68
N GLU B 102 -25.19 8.46 16.69
CA GLU B 102 -25.87 7.23 16.29
C GLU B 102 -24.89 6.20 15.74
N SER B 103 -24.09 6.59 14.76
CA SER B 103 -23.11 5.68 14.17
C SER B 103 -21.98 5.36 15.15
N GLY B 104 -21.54 6.37 15.91
CA GLY B 104 -20.42 6.21 16.81
C GLY B 104 -20.74 5.45 18.08
N VAL B 105 -21.98 5.59 18.57
CA VAL B 105 -22.37 4.98 19.84
C VAL B 105 -23.54 4.00 19.67
N LEU B 106 -24.68 4.49 19.21
CA LEU B 106 -25.87 3.65 19.12
C LEU B 106 -25.67 2.44 18.20
N PHE B 107 -25.34 2.68 16.94
CA PHE B 107 -25.22 1.61 15.96
C PHE B 107 -24.00 0.73 16.21
N ALA B 108 -22.88 1.35 16.54
CA ALA B 108 -21.63 0.63 16.77
C ALA B 108 -21.79 -0.41 17.87
N ARG B 109 -22.45 -0.03 18.94
CA ARG B 109 -22.62 -0.92 20.08
C ARG B 109 -23.67 -1.99 19.79
N MET B 110 -24.65 -1.64 18.96
CA MET B 110 -25.63 -2.63 18.51
C MET B 110 -24.94 -3.68 17.65
N ARG B 111 -24.07 -3.23 16.76
CA ARG B 111 -23.31 -4.13 15.89
C ARG B 111 -22.35 -4.96 16.73
N PHE B 112 -21.77 -4.35 17.74
N PHE B 112 -21.79 -4.34 17.76
CA PHE B 112 -20.87 -5.06 18.65
CA PHE B 112 -20.88 -5.01 18.68
C PHE B 112 -21.60 -6.22 19.34
C PHE B 112 -21.59 -6.13 19.43
N THR B 113 -22.92 -6.08 19.43
CA THR B 113 -23.74 -7.10 20.07
C THR B 113 -24.31 -8.09 19.06
N PHE B 114 -24.82 -7.58 17.95
CA PHE B 114 -25.56 -8.40 16.98
C PHE B 114 -24.68 -9.26 16.07
N GLU B 115 -23.60 -8.65 15.56
CA GLU B 115 -22.82 -9.25 14.48
C GLU B 115 -22.31 -10.66 14.79
N ARG B 116 -21.85 -10.85 16.02
CA ARG B 116 -21.30 -12.14 16.45
C ARG B 116 -22.36 -13.24 16.52
N ILE B 117 -23.60 -12.84 16.75
CA ILE B 117 -24.71 -13.78 16.81
C ILE B 117 -25.18 -14.10 15.40
N LEU B 118 -25.31 -13.05 14.58
CA LEU B 118 -25.85 -13.18 13.24
C LEU B 118 -24.89 -13.85 12.25
N PHE B 119 -23.59 -13.68 12.48
CA PHE B 119 -22.62 -14.15 11.50
C PHE B 119 -21.56 -15.08 12.07
N PHE B 120 -21.18 -14.90 13.33
CA PHE B 120 -20.08 -15.66 13.89
C PHE B 120 -20.59 -16.86 14.70
N GLY B 121 -21.89 -17.13 14.59
CA GLY B 121 -22.49 -18.30 15.21
C GLY B 121 -22.50 -18.33 16.73
N LYS B 122 -22.38 -17.17 17.37
CA LYS B 122 -22.39 -17.11 18.83
C LYS B 122 -23.80 -17.12 19.39
N SER B 123 -23.93 -17.47 20.67
CA SER B 123 -25.24 -17.57 21.30
C SER B 123 -25.32 -16.83 22.63
N ASP B 124 -24.26 -16.12 22.97
CA ASP B 124 -24.23 -15.39 24.23
C ASP B 124 -24.12 -13.89 23.99
N ILE B 125 -24.67 -13.12 24.92
CA ILE B 125 -24.46 -11.68 24.93
C ILE B 125 -23.80 -11.29 26.24
N PRO B 126 -22.47 -11.09 26.21
CA PRO B 126 -21.67 -10.80 27.41
C PRO B 126 -22.18 -9.56 28.11
N GLU B 127 -22.04 -9.49 29.42
CA GLU B 127 -22.65 -8.38 30.15
C GLU B 127 -21.95 -7.05 29.89
N ASP B 128 -20.68 -7.08 29.51
CA ASP B 128 -19.99 -5.84 29.15
C ASP B 128 -20.61 -5.30 27.86
N ARG B 129 -21.05 -6.21 26.99
CA ARG B 129 -21.75 -5.83 25.77
C ARG B 129 -23.11 -5.22 26.11
N VAL B 130 -23.80 -5.85 27.05
CA VAL B 130 -25.10 -5.35 27.51
C VAL B 130 -24.92 -3.97 28.16
N GLU B 131 -23.97 -3.90 29.09
CA GLU B 131 -23.61 -2.66 29.79
C GLU B 131 -23.42 -1.51 28.83
N TYR B 132 -22.65 -1.77 27.78
CA TYR B 132 -22.26 -0.72 26.84
C TYR B 132 -23.46 -0.24 26.06
N VAL B 133 -24.39 -1.14 25.76
CA VAL B 133 -25.65 -0.76 25.12
C VAL B 133 -26.52 0.03 26.09
N GLN B 134 -26.63 -0.45 27.33
CA GLN B 134 -27.35 0.26 28.38
C GLN B 134 -26.84 1.68 28.50
N LYS B 135 -25.52 1.84 28.47
CA LYS B 135 -24.89 3.15 28.57
C LYS B 135 -25.27 4.03 27.38
N SER B 136 -25.50 3.41 26.22
CA SER B 136 -25.92 4.16 25.05
C SER B 136 -27.35 4.67 25.22
N TYR B 137 -28.17 3.89 25.94
CA TYR B 137 -29.54 4.30 26.23
C TYR B 137 -29.56 5.56 27.10
N GLU B 138 -28.73 5.57 28.14
CA GLU B 138 -28.61 6.72 29.03
C GLU B 138 -28.15 7.95 28.28
N LEU B 139 -27.19 7.78 27.37
CA LEU B 139 -26.66 8.89 26.60
C LEU B 139 -27.74 9.47 25.69
N LEU B 140 -28.53 8.60 25.07
CA LEU B 140 -29.64 9.04 24.25
C LEU B 140 -30.67 9.77 25.11
N GLU B 141 -31.00 9.17 26.25
CA GLU B 141 -31.94 9.75 27.20
C GLU B 141 -31.53 11.17 27.58
N ASP B 142 -30.24 11.35 27.86
CA ASP B 142 -29.72 12.65 28.27
C ASP B 142 -29.65 13.64 27.11
N THR B 143 -29.65 13.13 25.89
CA THR B 143 -29.57 13.97 24.69
C THR B 143 -30.95 14.54 24.34
N LEU B 144 -32.00 13.79 24.66
CA LEU B 144 -33.36 14.21 24.36
C LEU B 144 -33.87 15.28 25.33
N VAL B 145 -33.27 16.46 25.28
CA VAL B 145 -33.75 17.58 26.07
C VAL B 145 -34.92 18.25 25.35
N ASP B 146 -35.01 18.01 24.05
CA ASP B 146 -36.14 18.46 23.25
C ASP B 146 -36.99 17.27 22.84
N ASP B 147 -38.06 17.52 22.11
CA ASP B 147 -38.96 16.45 21.68
C ASP B 147 -38.27 15.49 20.72
N PHE B 148 -37.28 15.98 19.99
CA PHE B 148 -36.54 15.15 19.06
C PHE B 148 -35.04 15.24 19.34
N VAL B 149 -34.28 14.31 18.80
CA VAL B 149 -32.89 14.14 19.20
C VAL B 149 -32.01 15.34 18.89
N ALA B 150 -32.38 16.12 17.89
CA ALA B 150 -31.59 17.27 17.48
C ALA B 150 -32.38 18.57 17.57
N GLY B 151 -33.40 18.58 18.43
CA GLY B 151 -34.16 19.80 18.67
C GLY B 151 -35.66 19.59 18.71
N PRO B 152 -36.42 20.70 18.60
CA PRO B 152 -37.89 20.68 18.63
C PRO B 152 -38.47 20.08 17.35
N THR B 153 -37.67 20.11 16.29
CA THR B 153 -38.09 19.64 14.98
C THR B 153 -37.53 18.25 14.71
N MET B 154 -38.33 17.40 14.06
CA MET B 154 -37.86 16.09 13.63
C MET B 154 -36.86 16.24 12.48
N THR B 155 -35.73 15.56 12.58
CA THR B 155 -34.70 15.61 11.55
C THR B 155 -34.30 14.20 11.16
N ILE B 156 -33.40 14.08 10.18
CA ILE B 156 -32.93 12.76 9.75
C ILE B 156 -32.16 12.05 10.87
N ALA B 157 -31.82 12.81 11.91
CA ALA B 157 -31.11 12.24 13.06
C ALA B 157 -32.05 11.36 13.88
N ASP B 158 -33.33 11.71 13.88
CA ASP B 158 -34.33 10.87 14.56
C ASP B 158 -34.53 9.57 13.80
N PHE B 159 -34.47 9.65 12.48
CA PHE B 159 -34.65 8.48 11.64
C PHE B 159 -33.52 7.49 11.86
N SER B 160 -32.31 8.02 12.01
CA SER B 160 -31.14 7.22 12.23
C SER B 160 -31.17 6.55 13.60
N CYS B 161 -31.58 7.31 14.61
CA CYS B 161 -31.62 6.81 15.98
C CYS B 161 -32.73 5.81 16.20
N ILE B 162 -33.92 6.07 15.66
CA ILE B 162 -35.05 5.20 15.89
C ILE B 162 -34.86 3.83 15.23
N SER B 163 -34.22 3.82 14.06
CA SER B 163 -34.04 2.57 13.33
C SER B 163 -33.13 1.62 14.09
N THR B 164 -32.15 2.20 14.79
CA THR B 164 -31.24 1.41 15.60
C THR B 164 -31.90 1.04 16.93
N VAL B 165 -32.49 2.04 17.59
CA VAL B 165 -33.14 1.82 18.88
C VAL B 165 -34.28 0.80 18.78
N SER B 166 -35.07 0.87 17.73
CA SER B 166 -36.20 -0.04 17.57
C SER B 166 -35.75 -1.48 17.32
N SER B 167 -34.47 -1.66 17.02
CA SER B 167 -33.91 -2.98 16.79
C SER B 167 -33.24 -3.53 18.05
N ILE B 168 -32.44 -2.68 18.69
CA ILE B 168 -31.66 -3.11 19.85
C ILE B 168 -32.53 -3.29 21.10
N MET B 169 -33.64 -2.54 21.18
CA MET B 169 -34.46 -2.55 22.38
C MET B 169 -35.26 -3.84 22.51
N GLY B 170 -35.33 -4.61 21.43
CA GLY B 170 -36.00 -5.89 21.44
C GLY B 170 -35.10 -6.98 21.97
N VAL B 171 -33.81 -6.67 22.06
CA VAL B 171 -32.81 -7.62 22.53
C VAL B 171 -32.31 -7.23 23.91
N VAL B 172 -31.74 -6.03 24.02
CA VAL B 172 -31.36 -5.48 25.31
C VAL B 172 -32.47 -4.55 25.78
N PRO B 173 -33.23 -4.99 26.80
CA PRO B 173 -34.41 -4.28 27.26
C PRO B 173 -34.15 -2.83 27.66
N LEU B 174 -35.03 -1.95 27.20
CA LEU B 174 -35.02 -0.55 27.57
C LEU B 174 -36.04 -0.32 28.68
N GLU B 175 -35.59 -0.15 29.92
CA GLU B 175 -36.54 -0.03 31.01
C GLU B 175 -37.13 1.37 31.10
N GLN B 176 -38.45 1.40 31.20
CA GLN B 176 -39.24 2.62 31.08
C GLN B 176 -39.05 3.58 32.26
N SER B 177 -38.63 3.04 33.39
CA SER B 177 -38.43 3.86 34.59
C SER B 177 -37.22 4.77 34.44
N LYS B 178 -36.18 4.28 33.77
CA LYS B 178 -34.96 5.04 33.58
C LYS B 178 -34.97 5.87 32.30
N HIS B 179 -35.78 5.48 31.33
CA HIS B 179 -35.76 6.18 30.04
C HIS B 179 -37.13 6.70 29.57
N PRO B 180 -37.79 7.56 30.37
CA PRO B 180 -39.11 8.05 29.95
C PRO B 180 -39.05 8.96 28.73
N ARG B 181 -37.96 9.69 28.56
CA ARG B 181 -37.80 10.56 27.40
C ARG B 181 -37.74 9.77 26.10
N ILE B 182 -37.01 8.65 26.12
CA ILE B 182 -36.88 7.82 24.94
C ILE B 182 -38.23 7.25 24.50
N TYR B 183 -38.99 6.73 25.47
CA TYR B 183 -40.30 6.18 25.18
C TYR B 183 -41.27 7.21 24.62
N ALA B 184 -41.24 8.42 25.18
CA ALA B 184 -42.10 9.50 24.70
C ALA B 184 -41.69 9.88 23.28
N TRP B 185 -40.38 9.95 23.06
CA TRP B 185 -39.82 10.23 21.74
C TRP B 185 -40.21 9.16 20.73
N ILE B 186 -40.14 7.90 21.14
CA ILE B 186 -40.55 6.78 20.29
C ILE B 186 -42.03 6.88 19.92
N ASP B 187 -42.85 7.25 20.90
CA ASP B 187 -44.28 7.44 20.65
C ASP B 187 -44.53 8.53 19.62
N ARG B 188 -43.69 9.57 19.61
CA ARG B 188 -43.85 10.67 18.67
C ARG B 188 -43.61 10.21 17.24
N LEU B 189 -42.55 9.44 17.05
CA LEU B 189 -42.19 8.95 15.73
C LEU B 189 -43.20 7.92 15.23
N LYS B 190 -43.79 7.15 16.15
CA LYS B 190 -44.78 6.16 15.79
C LYS B 190 -46.05 6.79 15.23
N GLN B 191 -46.19 8.09 15.44
CA GLN B 191 -47.35 8.82 14.95
C GLN B 191 -47.20 9.13 13.45
N LEU B 192 -45.98 8.99 12.93
CA LEU B 192 -45.76 9.12 11.49
C LEU B 192 -46.53 8.02 10.75
N PRO B 193 -47.27 8.40 9.70
CA PRO B 193 -48.12 7.46 8.96
C PRO B 193 -47.33 6.35 8.25
N TYR B 194 -46.04 6.54 8.06
CA TYR B 194 -45.24 5.54 7.35
C TYR B 194 -44.27 4.80 8.28
N TYR B 195 -44.41 5.03 9.59
CA TYR B 195 -43.45 4.47 10.54
C TYR B 195 -43.41 2.95 10.55
N GLU B 196 -44.56 2.31 10.75
CA GLU B 196 -44.59 0.87 10.93
C GLU B 196 -44.25 0.13 9.64
N GLU B 197 -44.68 0.69 8.51
CA GLU B 197 -44.35 0.11 7.21
C GLU B 197 -42.85 0.12 6.96
N VAL B 198 -42.22 1.25 7.27
CA VAL B 198 -40.84 1.49 6.87
C VAL B 198 -39.85 1.05 7.94
N ASN B 199 -40.21 1.21 9.20
CA ASN B 199 -39.26 0.92 10.28
C ASN B 199 -39.82 0.06 11.41
N GLY B 200 -41.07 0.29 11.76
CA GLY B 200 -41.69 -0.41 12.88
C GLY B 200 -41.74 -1.91 12.68
N GLY B 201 -41.88 -2.33 11.42
CA GLY B 201 -41.89 -3.75 11.10
C GLY B 201 -40.47 -4.30 11.08
N GLY B 202 -39.60 -3.63 10.34
CA GLY B 202 -38.22 -4.06 10.17
C GLY B 202 -37.42 -4.08 11.46
N GLY B 203 -37.59 -3.04 12.27
CA GLY B 203 -36.88 -2.93 13.53
C GLY B 203 -37.23 -4.05 14.49
N THR B 204 -38.52 -4.30 14.65
CA THR B 204 -38.99 -5.36 15.53
C THR B 204 -38.54 -6.73 15.00
N ASP B 205 -38.62 -6.91 13.69
CA ASP B 205 -38.22 -8.15 13.05
C ASP B 205 -36.74 -8.46 13.26
N LEU B 206 -35.89 -7.44 13.16
CA LEU B 206 -34.45 -7.65 13.34
C LEU B 206 -34.13 -8.08 14.76
N GLY B 207 -34.70 -7.39 15.73
CA GLY B 207 -34.51 -7.73 17.13
C GLY B 207 -34.94 -9.15 17.39
N LYS B 208 -36.07 -9.51 16.79
CA LYS B 208 -36.61 -10.87 16.91
C LYS B 208 -35.72 -11.86 16.15
N PHE B 209 -35.11 -11.40 15.07
CA PHE B 209 -34.25 -12.26 14.26
C PHE B 209 -32.96 -12.60 15.02
N VAL B 210 -32.46 -11.61 15.76
CA VAL B 210 -31.26 -11.80 16.57
C VAL B 210 -31.52 -12.82 17.68
N LEU B 211 -32.63 -12.66 18.38
CA LEU B 211 -33.00 -13.58 19.46
C LEU B 211 -33.23 -14.99 18.94
N ALA B 212 -33.83 -15.10 17.76
CA ALA B 212 -34.07 -16.40 17.15
C ALA B 212 -32.75 -17.06 16.76
N LYS B 213 -31.85 -16.29 16.14
CA LYS B 213 -30.53 -16.80 15.79
C LYS B 213 -29.74 -17.20 17.03
N LYS B 214 -29.82 -16.36 18.06
CA LYS B 214 -29.14 -16.62 19.32
C LYS B 214 -29.62 -17.94 19.92
N GLU B 215 -30.92 -18.20 19.83
CA GLU B 215 -31.49 -19.45 20.30
C GLU B 215 -31.02 -20.63 19.46
N GLU B 216 -31.00 -20.45 18.14
CA GLU B 216 -30.64 -21.53 17.24
C GLU B 216 -29.16 -21.85 17.34
N ASN B 217 -28.33 -20.83 17.51
CA ASN B 217 -26.89 -21.03 17.69
C ASN B 217 -26.59 -21.80 18.97
N ALA B 218 -27.39 -21.57 20.01
CA ALA B 218 -27.18 -22.21 21.30
C ALA B 218 -27.52 -23.69 21.25
N LYS B 219 -28.32 -24.08 20.27
CA LYS B 219 -28.78 -25.45 20.14
C LYS B 219 -27.81 -26.29 19.30
N ALA B 220 -26.59 -25.79 19.17
CA ALA B 220 -25.53 -26.41 18.37
C ALA B 220 -26.00 -26.66 16.93
N SER C 1 4.57 19.35 -12.49
CA SER C 1 4.12 18.24 -11.67
C SER C 1 5.30 17.62 -10.91
N ASN C 2 5.02 17.11 -9.71
CA ASN C 2 6.03 16.48 -8.90
C ASN C 2 6.30 15.05 -9.34
N LEU C 3 7.45 14.51 -8.93
CA LEU C 3 7.81 13.15 -9.25
C LEU C 3 6.86 12.16 -8.58
N VAL C 4 6.27 11.28 -9.38
CA VAL C 4 5.34 10.28 -8.87
C VAL C 4 5.93 8.89 -9.02
N LEU C 5 6.04 8.16 -7.92
CA LEU C 5 6.57 6.81 -7.96
C LEU C 5 5.49 5.79 -7.62
N TYR C 6 5.17 4.93 -8.59
CA TYR C 6 4.32 3.78 -8.32
C TYR C 6 5.17 2.75 -7.61
N THR C 7 4.88 2.53 -6.34
CA THR C 7 5.85 1.89 -5.47
C THR C 7 5.24 1.10 -4.32
N LEU C 8 6.11 0.38 -3.64
CA LEU C 8 5.79 -0.32 -2.41
C LEU C 8 7.01 -0.20 -1.52
N HIS C 9 6.84 0.35 -0.32
CA HIS C 9 7.99 0.65 0.52
C HIS C 9 8.79 -0.60 0.92
N LEU C 10 8.11 -1.75 0.97
CA LEU C 10 8.79 -3.00 1.33
C LEU C 10 9.64 -3.51 0.18
N SER C 11 9.30 -3.10 -1.03
CA SER C 11 10.01 -3.51 -2.22
C SER C 11 11.42 -2.94 -2.27
N PRO C 12 12.45 -3.81 -2.31
CA PRO C 12 13.85 -3.38 -2.37
C PRO C 12 14.16 -2.43 -3.55
N PRO C 13 13.77 -2.77 -4.79
CA PRO C 13 14.13 -1.80 -5.84
C PRO C 13 13.41 -0.48 -5.67
N CYS C 14 12.28 -0.48 -4.98
CA CYS C 14 11.56 0.75 -4.69
C CYS C 14 12.31 1.59 -3.65
N ARG C 15 12.89 0.92 -2.66
CA ARG C 15 13.67 1.59 -1.63
C ARG C 15 14.98 2.14 -2.19
N ALA C 16 15.50 1.47 -3.21
CA ALA C 16 16.72 1.94 -3.88
C ALA C 16 16.49 3.31 -4.50
N VAL C 17 15.32 3.47 -5.13
CA VAL C 17 14.96 4.74 -5.74
C VAL C 17 14.72 5.81 -4.69
N GLU C 18 14.05 5.43 -3.60
CA GLU C 18 13.74 6.36 -2.52
C GLU C 18 15.02 6.88 -1.86
N LEU C 19 16.01 5.99 -1.72
CA LEU C 19 17.30 6.41 -1.20
C LEU C 19 17.94 7.44 -2.12
N THR C 20 17.90 7.15 -3.41
CA THR C 20 18.48 8.02 -4.42
C THR C 20 17.81 9.39 -4.43
N ALA C 21 16.49 9.40 -4.41
CA ALA C 21 15.72 10.65 -4.42
C ALA C 21 16.07 11.51 -3.21
N LYS C 22 16.24 10.88 -2.05
CA LYS C 22 16.64 11.60 -0.85
C LYS C 22 18.05 12.16 -0.97
N ALA C 23 18.96 11.35 -1.51
CA ALA C 23 20.35 11.75 -1.71
C ALA C 23 20.44 12.93 -2.66
N LEU C 24 19.49 12.99 -3.58
CA LEU C 24 19.40 14.09 -4.53
C LEU C 24 18.57 15.24 -3.98
N GLY C 25 17.96 15.01 -2.82
CA GLY C 25 17.13 16.01 -2.18
C GLY C 25 15.80 16.19 -2.89
N LEU C 26 15.36 15.16 -3.59
CA LEU C 26 14.08 15.19 -4.30
C LEU C 26 12.93 14.80 -3.38
N GLU C 27 11.71 15.10 -3.80
CA GLU C 27 10.54 14.67 -3.05
C GLU C 27 9.58 13.88 -3.94
N LEU C 28 9.44 12.60 -3.64
CA LEU C 28 8.61 11.70 -4.44
C LEU C 28 7.19 11.62 -3.93
N GLU C 29 6.23 11.82 -4.82
CA GLU C 29 4.85 11.46 -4.51
C GLU C 29 4.70 9.96 -4.70
N GLN C 30 4.11 9.29 -3.72
CA GLN C 30 3.96 7.84 -3.80
C GLN C 30 2.56 7.45 -4.23
N LYS C 31 2.49 6.45 -5.11
CA LYS C 31 1.22 5.82 -5.45
C LYS C 31 1.36 4.32 -5.24
N THR C 32 0.67 3.81 -4.23
CA THR C 32 0.82 2.44 -3.81
C THR C 32 0.33 1.44 -4.85
N ILE C 33 1.19 0.49 -5.20
CA ILE C 33 0.81 -0.65 -6.00
C ILE C 33 0.98 -1.91 -5.15
N ASN C 34 -0.13 -2.39 -4.57
CA ASN C 34 -0.08 -3.55 -3.70
C ASN C 34 0.02 -4.83 -4.50
N LEU C 35 1.21 -5.43 -4.51
CA LEU C 35 1.44 -6.66 -5.27
C LEU C 35 0.61 -7.82 -4.75
N LEU C 36 0.35 -7.84 -3.45
CA LEU C 36 -0.36 -8.96 -2.83
C LEU C 36 -1.83 -8.99 -3.24
N THR C 37 -2.35 -7.86 -3.71
CA THR C 37 -3.73 -7.78 -4.16
C THR C 37 -3.80 -7.70 -5.69
N GLY C 38 -2.66 -7.87 -6.34
CA GLY C 38 -2.60 -7.88 -7.79
C GLY C 38 -2.81 -6.53 -8.44
N ASP C 39 -2.49 -5.46 -7.72
CA ASP C 39 -2.59 -4.10 -8.26
C ASP C 39 -1.74 -3.93 -9.51
N HIS C 40 -0.61 -4.62 -9.54
CA HIS C 40 0.32 -4.55 -10.67
C HIS C 40 -0.18 -5.32 -11.89
N LEU C 41 -1.25 -6.09 -11.71
CA LEU C 41 -1.81 -6.88 -12.80
C LEU C 41 -3.01 -6.20 -13.43
N LYS C 42 -3.50 -5.14 -12.77
CA LYS C 42 -4.63 -4.38 -13.30
C LYS C 42 -4.25 -3.66 -14.59
N PRO C 43 -5.18 -3.62 -15.56
CA PRO C 43 -4.97 -3.08 -16.90
C PRO C 43 -4.31 -1.70 -16.92
N GLU C 44 -4.62 -0.87 -15.93
CA GLU C 44 -4.13 0.51 -15.91
C GLU C 44 -2.65 0.58 -15.57
N PHE C 45 -2.18 -0.34 -14.71
CA PHE C 45 -0.77 -0.37 -14.41
C PHE C 45 0.02 -1.09 -15.49
N VAL C 46 -0.60 -2.12 -16.07
CA VAL C 46 0.03 -2.86 -17.16
C VAL C 46 0.31 -1.91 -18.32
N LYS C 47 -0.59 -0.96 -18.52
CA LYS C 47 -0.40 0.07 -19.52
C LYS C 47 0.86 0.90 -19.24
N LEU C 48 1.13 1.15 -17.98
CA LEU C 48 2.31 1.92 -17.59
C LEU C 48 3.58 1.08 -17.66
N ASN C 49 3.45 -0.22 -17.39
CA ASN C 49 4.58 -1.13 -17.43
C ASN C 49 4.14 -2.55 -17.77
N PRO C 50 4.38 -2.97 -19.01
CA PRO C 50 3.97 -4.28 -19.52
C PRO C 50 4.63 -5.44 -18.77
N GLN C 51 5.77 -5.20 -18.14
CA GLN C 51 6.42 -6.22 -17.33
C GLN C 51 5.77 -6.29 -15.95
N HIS C 52 4.76 -5.46 -15.75
CA HIS C 52 4.02 -5.34 -14.48
C HIS C 52 4.90 -5.46 -13.24
N THR C 53 5.93 -4.63 -13.15
CA THR C 53 6.75 -4.57 -11.96
C THR C 53 6.83 -3.15 -11.40
N ILE C 54 7.23 -3.07 -10.14
CA ILE C 54 7.53 -1.80 -9.49
C ILE C 54 9.01 -1.77 -9.13
N PRO C 55 9.61 -0.57 -9.03
CA PRO C 55 8.99 0.75 -9.16
C PRO C 55 8.79 1.21 -10.59
N VAL C 56 7.89 2.18 -10.75
CA VAL C 56 7.69 2.88 -12.00
C VAL C 56 7.66 4.37 -11.68
N LEU C 57 8.51 5.13 -12.35
CA LEU C 57 8.57 6.58 -12.12
C LEU C 57 7.71 7.33 -13.12
N ASP C 58 6.85 8.20 -12.62
CA ASP C 58 6.07 9.10 -13.46
C ASP C 58 6.61 10.51 -13.28
N ASP C 59 7.40 10.97 -14.23
CA ASP C 59 7.98 12.31 -14.18
C ASP C 59 7.31 13.22 -15.20
N ASN C 60 6.28 13.95 -14.75
CA ASN C 60 5.54 14.87 -15.60
C ASN C 60 5.04 14.24 -16.90
N GLY C 61 4.38 13.10 -16.78
CA GLY C 61 3.86 12.40 -17.95
C GLY C 61 4.83 11.42 -18.54
N THR C 62 6.13 11.64 -18.31
CA THR C 62 7.17 10.74 -18.81
C THR C 62 7.33 9.52 -17.92
N ILE C 63 7.04 8.35 -18.49
CA ILE C 63 7.10 7.09 -17.74
C ILE C 63 8.47 6.41 -17.84
N ILE C 64 9.07 6.14 -16.69
CA ILE C 64 10.35 5.42 -16.63
C ILE C 64 10.21 4.20 -15.71
N THR C 65 10.49 3.01 -16.25
CA THR C 65 10.38 1.79 -15.47
C THR C 65 11.75 1.31 -15.00
N GLU C 66 11.76 0.33 -14.09
CA GLU C 66 12.96 -0.34 -13.61
C GLU C 66 13.82 0.59 -12.74
N SER C 67 14.12 0.13 -11.53
CA SER C 67 14.76 0.97 -10.51
C SER C 67 16.11 1.54 -10.94
N HIS C 68 16.96 0.69 -11.49
CA HIS C 68 18.31 1.15 -11.89
C HIS C 68 18.22 2.19 -12.98
N ALA C 69 17.32 1.99 -13.93
CA ALA C 69 17.07 2.97 -14.97
C ALA C 69 16.55 4.27 -14.37
N ILE C 70 15.71 4.15 -13.35
CA ILE C 70 15.14 5.30 -12.68
C ILE C 70 16.22 6.09 -11.94
N MET C 71 17.05 5.38 -11.19
CA MET C 71 18.13 6.01 -10.43
C MET C 71 19.09 6.77 -11.34
N ILE C 72 19.52 6.12 -12.42
CA ILE C 72 20.38 6.76 -13.41
C ILE C 72 19.71 8.00 -13.99
N TYR C 73 18.43 7.85 -14.32
CA TYR C 73 17.65 8.95 -14.86
C TYR C 73 17.58 10.12 -13.87
N LEU C 74 17.34 9.81 -12.60
CA LEU C 74 17.18 10.82 -11.57
C LEU C 74 18.45 11.65 -11.36
N VAL C 75 19.58 10.97 -11.21
CA VAL C 75 20.86 11.64 -11.02
C VAL C 75 21.24 12.45 -12.26
N THR C 76 20.95 11.90 -13.44
CA THR C 76 21.30 12.56 -14.69
C THR C 76 20.54 13.87 -14.88
N LYS C 77 19.24 13.85 -14.61
CA LYS C 77 18.41 15.02 -14.86
C LYS C 77 18.38 15.98 -13.68
N TYR C 78 18.42 15.45 -12.46
CA TYR C 78 18.20 16.28 -11.27
C TYR C 78 19.45 16.47 -10.42
N GLY C 79 20.50 15.70 -10.71
CA GLY C 79 21.74 15.83 -9.97
C GLY C 79 22.45 17.15 -10.26
N LYS C 80 23.04 17.73 -9.22
CA LYS C 80 23.77 18.98 -9.37
C LYS C 80 25.26 18.71 -9.55
N ASP C 81 25.66 17.47 -9.26
CA ASP C 81 27.01 17.00 -9.57
C ASP C 81 26.92 15.57 -10.11
N ASP C 82 28.01 14.82 -10.01
CA ASP C 82 28.01 13.45 -10.52
C ASP C 82 28.66 12.45 -9.58
N SER C 83 28.55 12.68 -8.28
CA SER C 83 29.14 11.77 -7.31
C SER C 83 28.38 10.44 -7.27
N LEU C 84 27.05 10.51 -7.34
CA LEU C 84 26.22 9.31 -7.25
C LEU C 84 26.23 8.51 -8.54
N TYR C 85 26.57 9.17 -9.64
CA TYR C 85 26.67 8.50 -10.94
C TYR C 85 27.58 9.29 -11.87
N PRO C 86 28.86 8.92 -11.91
CA PRO C 86 29.92 9.64 -12.63
C PRO C 86 29.68 9.80 -14.12
N LYS C 87 30.12 10.92 -14.68
CA LYS C 87 30.06 11.13 -16.12
C LYS C 87 31.25 10.45 -16.80
N ASP C 88 32.33 10.28 -16.05
CA ASP C 88 33.53 9.64 -16.57
C ASP C 88 33.25 8.19 -16.95
N PRO C 89 33.49 7.84 -18.23
CA PRO C 89 33.21 6.53 -18.80
C PRO C 89 33.76 5.38 -17.97
N VAL C 90 34.98 5.53 -17.46
CA VAL C 90 35.63 4.49 -16.67
C VAL C 90 34.98 4.36 -15.28
N LYS C 91 34.77 5.49 -14.63
CA LYS C 91 34.14 5.50 -13.30
C LYS C 91 32.68 5.07 -13.39
N GLN C 92 32.01 5.49 -14.46
CA GLN C 92 30.61 5.12 -14.68
C GLN C 92 30.48 3.61 -14.90
N ALA C 93 31.47 3.04 -15.58
CA ALA C 93 31.46 1.61 -15.90
C ALA C 93 31.49 0.76 -14.62
N ARG C 94 32.23 1.22 -13.64
CA ARG C 94 32.34 0.52 -12.36
C ARG C 94 31.01 0.57 -11.62
N VAL C 95 30.29 1.67 -11.78
CA VAL C 95 28.96 1.80 -11.18
C VAL C 95 27.96 0.93 -11.92
N ASN C 96 27.98 0.99 -13.25
CA ASN C 96 27.10 0.18 -14.09
C ASN C 96 27.32 -1.31 -13.86
N SER C 97 28.57 -1.70 -13.65
CA SER C 97 28.88 -3.09 -13.37
C SER C 97 28.25 -3.52 -12.05
N ALA C 98 28.39 -2.68 -11.03
CA ALA C 98 27.83 -2.97 -9.72
C ALA C 98 26.30 -3.01 -9.76
N LEU C 99 25.72 -2.12 -10.56
CA LEU C 99 24.27 -2.06 -10.72
C LEU C 99 23.71 -3.34 -11.34
N HIS C 100 24.42 -3.86 -12.34
CA HIS C 100 23.97 -5.09 -13.01
C HIS C 100 24.31 -6.32 -12.17
N PHE C 101 25.27 -6.16 -11.26
CA PHE C 101 25.52 -7.19 -10.27
C PHE C 101 24.34 -7.31 -9.32
N GLU C 102 23.75 -6.17 -8.95
CA GLU C 102 22.64 -6.17 -8.02
C GLU C 102 21.40 -6.80 -8.64
N SER C 103 21.02 -6.35 -9.83
CA SER C 103 19.83 -6.85 -10.49
C SER C 103 20.00 -8.31 -10.90
N GLY C 104 21.18 -8.62 -11.43
CA GLY C 104 21.45 -9.95 -11.97
C GLY C 104 21.80 -11.01 -10.95
N VAL C 105 22.40 -10.60 -9.83
CA VAL C 105 22.82 -11.57 -8.82
C VAL C 105 22.08 -11.40 -7.49
N LEU C 106 22.30 -10.25 -6.84
CA LEU C 106 21.72 -10.02 -5.52
C LEU C 106 20.19 -10.09 -5.54
N PHE C 107 19.57 -9.21 -6.30
CA PHE C 107 18.11 -9.14 -6.31
C PHE C 107 17.48 -10.38 -6.93
N ALA C 108 18.06 -10.84 -8.03
CA ALA C 108 17.52 -12.00 -8.73
C ALA C 108 17.45 -13.22 -7.82
N ARG C 109 18.48 -13.41 -7.01
CA ARG C 109 18.52 -14.57 -6.12
C ARG C 109 17.69 -14.32 -4.87
N MET C 110 17.51 -13.05 -4.52
CA MET C 110 16.60 -12.70 -3.45
C MET C 110 15.18 -13.02 -3.88
N ARG C 111 14.86 -12.65 -5.11
CA ARG C 111 13.52 -12.85 -5.64
C ARG C 111 13.21 -14.32 -5.83
N PHE C 112 14.23 -15.09 -6.22
CA PHE C 112 14.08 -16.54 -6.39
C PHE C 112 13.75 -17.21 -5.07
N THR C 113 14.06 -16.52 -3.97
CA THR C 113 13.74 -17.02 -2.64
C THR C 113 12.38 -16.50 -2.17
N PHE C 114 12.17 -15.20 -2.36
CA PHE C 114 11.00 -14.52 -1.78
C PHE C 114 9.71 -14.77 -2.54
N GLU C 115 9.77 -14.74 -3.87
CA GLU C 115 8.57 -14.76 -4.69
C GLU C 115 7.71 -16.00 -4.47
N ARG C 116 8.34 -17.15 -4.42
CA ARG C 116 7.62 -18.40 -4.24
C ARG C 116 6.94 -18.46 -2.88
N ILE C 117 7.50 -17.75 -1.90
CA ILE C 117 6.91 -17.69 -0.58
C ILE C 117 5.80 -16.66 -0.54
N LEU C 118 6.06 -15.49 -1.10
CA LEU C 118 5.12 -14.38 -1.03
C LEU C 118 3.88 -14.60 -1.89
N PHE C 119 4.05 -15.24 -3.06
CA PHE C 119 2.96 -15.33 -4.02
C PHE C 119 2.51 -16.76 -4.33
N PHE C 120 3.43 -17.71 -4.27
CA PHE C 120 3.11 -19.08 -4.67
C PHE C 120 2.76 -19.97 -3.48
N GLY C 121 2.67 -19.36 -2.29
CA GLY C 121 2.20 -20.06 -1.10
C GLY C 121 3.15 -21.13 -0.56
N LYS C 122 4.41 -21.06 -0.95
CA LYS C 122 5.40 -21.98 -0.42
C LYS C 122 5.72 -21.66 1.04
N SER C 123 6.19 -22.67 1.78
CA SER C 123 6.48 -22.51 3.19
C SER C 123 7.86 -23.02 3.53
N ASP C 124 8.72 -23.10 2.53
CA ASP C 124 10.08 -23.58 2.72
C ASP C 124 11.08 -22.69 2.00
N ILE C 125 12.31 -22.69 2.49
CA ILE C 125 13.42 -22.04 1.80
C ILE C 125 14.42 -23.12 1.39
N PRO C 126 14.30 -23.60 0.15
CA PRO C 126 15.15 -24.68 -0.38
C PRO C 126 16.63 -24.37 -0.26
N GLU C 127 17.44 -25.41 -0.21
CA GLU C 127 18.85 -25.29 0.09
C GLU C 127 19.60 -24.66 -1.08
N ASP C 128 19.14 -24.95 -2.29
CA ASP C 128 19.72 -24.34 -3.48
C ASP C 128 19.43 -22.83 -3.49
N ARG C 129 18.30 -22.43 -2.92
CA ARG C 129 17.96 -21.02 -2.78
C ARG C 129 18.95 -20.34 -1.82
N VAL C 130 19.14 -20.97 -0.66
CA VAL C 130 20.08 -20.47 0.33
C VAL C 130 21.49 -20.35 -0.25
N GLU C 131 21.91 -21.39 -0.96
CA GLU C 131 23.23 -21.44 -1.58
C GLU C 131 23.49 -20.26 -2.51
N TYR C 132 22.55 -20.01 -3.40
CA TYR C 132 22.67 -18.91 -4.36
C TYR C 132 22.83 -17.57 -3.65
N VAL C 133 22.03 -17.36 -2.60
CA VAL C 133 22.10 -16.13 -1.83
C VAL C 133 23.43 -16.02 -1.08
N GLN C 134 23.86 -17.09 -0.44
CA GLN C 134 25.14 -17.10 0.26
C GLN C 134 26.28 -16.78 -0.70
N LYS C 135 26.23 -17.37 -1.89
CA LYS C 135 27.21 -17.09 -2.93
C LYS C 135 27.20 -15.61 -3.33
N SER C 136 26.00 -15.01 -3.36
CA SER C 136 25.87 -13.61 -3.72
C SER C 136 26.51 -12.72 -2.65
N TYR C 137 26.41 -13.15 -1.40
CA TYR C 137 27.09 -12.48 -0.30
C TYR C 137 28.60 -12.49 -0.52
N GLU C 138 29.10 -13.66 -0.93
CA GLU C 138 30.53 -13.86 -1.15
C GLU C 138 31.04 -13.01 -2.32
N LEU C 139 30.29 -13.00 -3.41
CA LEU C 139 30.62 -12.16 -4.56
C LEU C 139 30.62 -10.68 -4.18
N LEU C 140 29.67 -10.30 -3.34
CA LEU C 140 29.60 -8.93 -2.85
C LEU C 140 30.82 -8.62 -1.98
N GLU C 141 31.20 -9.58 -1.15
CA GLU C 141 32.36 -9.46 -0.27
C GLU C 141 33.63 -9.23 -1.08
N ASP C 142 33.81 -10.02 -2.13
CA ASP C 142 34.98 -9.91 -3.00
C ASP C 142 34.96 -8.61 -3.80
N THR C 143 33.77 -8.15 -4.13
CA THR C 143 33.61 -6.90 -4.88
C THR C 143 34.07 -5.70 -4.05
N LEU C 144 33.74 -5.73 -2.77
CA LEU C 144 34.07 -4.62 -1.87
C LEU C 144 35.56 -4.55 -1.57
N VAL C 145 36.36 -4.22 -2.59
CA VAL C 145 37.79 -4.01 -2.39
C VAL C 145 38.02 -2.58 -1.90
N ASP C 146 37.04 -1.71 -2.15
CA ASP C 146 37.06 -0.35 -1.64
C ASP C 146 36.03 -0.20 -0.52
N ASP C 147 35.79 1.04 -0.10
CA ASP C 147 34.83 1.30 0.98
C ASP C 147 33.40 1.13 0.50
N PHE C 148 33.18 1.36 -0.79
CA PHE C 148 31.86 1.17 -1.39
C PHE C 148 31.94 0.23 -2.58
N VAL C 149 30.78 -0.20 -3.07
CA VAL C 149 30.71 -1.24 -4.09
C VAL C 149 31.39 -0.84 -5.39
N ALA C 150 31.35 0.44 -5.73
CA ALA C 150 31.92 0.91 -6.99
C ALA C 150 33.00 1.98 -6.78
N GLY C 151 33.82 1.80 -5.75
CA GLY C 151 34.90 2.72 -5.48
C GLY C 151 34.91 3.26 -4.07
N PRO C 152 35.75 4.27 -3.82
CA PRO C 152 35.87 4.91 -2.51
C PRO C 152 34.76 5.93 -2.25
N THR C 153 33.94 6.16 -3.26
CA THR C 153 32.84 7.12 -3.16
C THR C 153 31.49 6.43 -3.32
N MET C 154 30.57 6.73 -2.43
CA MET C 154 29.23 6.15 -2.48
C MET C 154 28.49 6.57 -3.75
N THR C 155 27.89 5.60 -4.43
CA THR C 155 27.11 5.85 -5.63
C THR C 155 25.73 5.20 -5.51
N ILE C 156 24.90 5.37 -6.53
CA ILE C 156 23.57 4.77 -6.53
C ILE C 156 23.63 3.25 -6.52
N ALA C 157 24.81 2.71 -6.88
CA ALA C 157 25.02 1.28 -6.84
C ALA C 157 24.99 0.76 -5.40
N ASP C 158 25.39 1.62 -4.46
CA ASP C 158 25.35 1.27 -3.04
C ASP C 158 23.91 1.18 -2.53
N PHE C 159 23.09 2.13 -2.98
CA PHE C 159 21.68 2.16 -2.62
C PHE C 159 20.98 0.90 -3.07
N SER C 160 21.27 0.50 -4.31
CA SER C 160 20.67 -0.68 -4.91
C SER C 160 21.04 -1.94 -4.14
N CYS C 161 22.32 -2.07 -3.82
CA CYS C 161 22.82 -3.25 -3.11
C CYS C 161 22.30 -3.30 -1.68
N ILE C 162 22.27 -2.16 -1.00
CA ILE C 162 21.87 -2.15 0.40
C ILE C 162 20.36 -2.39 0.54
N SER C 163 19.58 -2.00 -0.47
CA SER C 163 18.14 -2.18 -0.40
C SER C 163 17.81 -3.66 -0.50
N THR C 164 18.62 -4.40 -1.25
CA THR C 164 18.44 -5.83 -1.40
C THR C 164 19.03 -6.59 -0.20
N VAL C 165 20.25 -6.25 0.17
CA VAL C 165 20.93 -6.93 1.27
C VAL C 165 20.18 -6.79 2.59
N SER C 166 19.71 -5.58 2.90
CA SER C 166 18.99 -5.33 4.15
C SER C 166 17.66 -6.09 4.22
N SER C 167 17.19 -6.56 3.08
CA SER C 167 15.94 -7.30 3.02
C SER C 167 16.17 -8.81 3.19
N ILE C 168 17.23 -9.32 2.56
CA ILE C 168 17.49 -10.75 2.52
C ILE C 168 18.27 -11.23 3.76
N MET C 169 19.02 -10.34 4.38
CA MET C 169 19.90 -10.72 5.50
C MET C 169 19.12 -11.12 6.75
N GLY C 170 17.85 -10.74 6.81
CA GLY C 170 16.99 -11.13 7.91
C GLY C 170 16.37 -12.49 7.69
N VAL C 171 16.45 -12.96 6.44
CA VAL C 171 15.93 -14.25 6.06
C VAL C 171 17.07 -15.25 5.89
N VAL C 172 18.00 -14.92 5.01
CA VAL C 172 19.23 -15.69 4.88
C VAL C 172 20.35 -14.96 5.60
N PRO C 173 20.72 -15.44 6.79
CA PRO C 173 21.68 -14.77 7.66
C PRO C 173 23.04 -14.54 7.00
N LEU C 174 23.60 -13.38 7.25
CA LEU C 174 24.91 -13.00 6.75
C LEU C 174 25.88 -12.98 7.93
N GLU C 175 26.80 -13.93 7.99
CA GLU C 175 27.67 -13.93 9.17
C GLU C 175 28.76 -12.89 9.06
N GLN C 176 29.03 -12.29 10.21
CA GLN C 176 29.90 -11.13 10.32
C GLN C 176 31.37 -11.51 10.29
N SER C 177 31.73 -12.68 10.81
CA SER C 177 33.14 -13.02 10.84
C SER C 177 33.70 -13.38 9.46
N LYS C 178 32.85 -13.72 8.49
CA LYS C 178 33.32 -14.02 7.14
C LYS C 178 33.19 -12.79 6.26
N HIS C 179 32.18 -11.98 6.53
CA HIS C 179 31.94 -10.80 5.72
C HIS C 179 32.15 -9.51 6.50
N PRO C 180 33.41 -9.25 6.94
CA PRO C 180 33.62 -8.00 7.66
C PRO C 180 33.55 -6.82 6.71
N ARG C 181 33.80 -7.06 5.42
CA ARG C 181 33.74 -6.01 4.42
C ARG C 181 32.32 -5.48 4.24
N ILE C 182 31.35 -6.39 4.18
CA ILE C 182 29.96 -6.01 4.00
C ILE C 182 29.44 -5.27 5.23
N TYR C 183 29.71 -5.81 6.41
CA TYR C 183 29.25 -5.21 7.66
C TYR C 183 29.83 -3.81 7.85
N ALA C 184 31.11 -3.65 7.53
CA ALA C 184 31.75 -2.34 7.57
C ALA C 184 31.08 -1.40 6.57
N TRP C 185 30.74 -1.93 5.41
CA TRP C 185 30.08 -1.18 4.36
C TRP C 185 28.65 -0.79 4.74
N ILE C 186 27.96 -1.70 5.43
CA ILE C 186 26.60 -1.44 5.89
C ILE C 186 26.58 -0.28 6.89
N ASP C 187 27.52 -0.30 7.82
CA ASP C 187 27.59 0.72 8.87
C ASP C 187 27.99 2.09 8.32
N ARG C 188 28.70 2.10 7.20
CA ARG C 188 28.98 3.36 6.52
C ARG C 188 27.68 3.95 6.00
N LEU C 189 26.84 3.10 5.41
CA LEU C 189 25.56 3.54 4.88
C LEU C 189 24.57 3.84 6.01
N LYS C 190 24.77 3.21 7.17
CA LYS C 190 23.91 3.47 8.31
C LYS C 190 24.23 4.83 8.91
N GLN C 191 25.39 5.37 8.56
CA GLN C 191 25.78 6.70 9.02
C GLN C 191 25.07 7.79 8.22
N LEU C 192 24.42 7.40 7.13
CA LEU C 192 23.56 8.31 6.40
C LEU C 192 22.35 8.67 7.25
N PRO C 193 22.04 9.96 7.34
CA PRO C 193 20.97 10.46 8.23
C PRO C 193 19.59 9.94 7.85
N TYR C 194 19.41 9.54 6.60
CA TYR C 194 18.11 9.13 6.10
C TYR C 194 18.01 7.63 5.88
N TYR C 195 19.05 6.89 6.25
CA TYR C 195 19.12 5.47 5.95
C TYR C 195 18.00 4.65 6.61
N GLU C 196 17.83 4.83 7.91
CA GLU C 196 16.89 4.02 8.68
C GLU C 196 15.44 4.27 8.27
N GLU C 197 15.13 5.53 7.98
CA GLU C 197 13.77 5.92 7.61
C GLU C 197 13.42 5.45 6.21
N VAL C 198 14.35 5.63 5.28
CA VAL C 198 14.08 5.37 3.88
C VAL C 198 14.28 3.91 3.49
N ASN C 199 15.33 3.28 4.01
CA ASN C 199 15.61 1.90 3.64
C ASN C 199 15.60 0.91 4.81
N GLY C 200 16.27 1.26 5.90
CA GLY C 200 16.43 0.36 7.03
C GLY C 200 15.17 -0.32 7.52
N GLY C 201 14.13 0.46 7.74
CA GLY C 201 12.86 -0.07 8.22
C GLY C 201 12.21 -1.02 7.24
N GLY C 202 12.22 -0.64 5.96
CA GLY C 202 11.62 -1.45 4.92
C GLY C 202 12.28 -2.80 4.73
N GLY C 203 13.60 -2.81 4.66
CA GLY C 203 14.36 -4.04 4.50
C GLY C 203 14.12 -5.02 5.63
N THR C 204 14.10 -4.49 6.85
CA THR C 204 13.82 -5.29 8.03
C THR C 204 12.39 -5.83 7.99
N ASP C 205 11.44 -4.95 7.69
CA ASP C 205 10.03 -5.31 7.64
C ASP C 205 9.75 -6.38 6.58
N LEU C 206 10.45 -6.27 5.44
CA LEU C 206 10.28 -7.25 4.38
C LEU C 206 10.80 -8.62 4.81
N GLY C 207 11.99 -8.62 5.42
CA GLY C 207 12.59 -9.85 5.92
C GLY C 207 11.66 -10.54 6.91
N LYS C 208 11.07 -9.77 7.81
CA LYS C 208 10.15 -10.32 8.80
C LYS C 208 8.87 -10.83 8.15
N PHE C 209 8.41 -10.12 7.12
CA PHE C 209 7.17 -10.49 6.45
C PHE C 209 7.30 -11.80 5.71
N VAL C 210 8.44 -11.99 5.05
CA VAL C 210 8.74 -13.23 4.34
C VAL C 210 8.69 -14.42 5.29
N LEU C 211 9.31 -14.27 6.47
CA LEU C 211 9.30 -15.34 7.47
C LEU C 211 7.89 -15.58 8.00
N ALA C 212 7.15 -14.49 8.23
CA ALA C 212 5.78 -14.60 8.71
C ALA C 212 4.89 -15.28 7.67
N LYS C 213 5.04 -14.89 6.41
CA LYS C 213 4.28 -15.47 5.32
C LYS C 213 4.61 -16.96 5.19
N LYS C 214 5.90 -17.26 5.30
CA LYS C 214 6.39 -18.63 5.23
C LYS C 214 5.77 -19.50 6.31
N GLU C 215 5.59 -18.94 7.50
CA GLU C 215 5.00 -19.69 8.60
C GLU C 215 3.49 -19.81 8.43
N GLU C 216 2.88 -18.81 7.80
CA GLU C 216 1.44 -18.85 7.56
C GLU C 216 1.10 -19.86 6.47
N ASN C 217 1.97 -19.95 5.47
CA ASN C 217 1.78 -20.90 4.37
C ASN C 217 1.91 -22.34 4.82
N ALA C 218 2.65 -22.57 5.90
CA ALA C 218 2.82 -23.91 6.44
C ALA C 218 1.50 -24.43 7.00
N LYS C 219 0.63 -23.52 7.43
CA LYS C 219 -0.67 -23.88 7.96
C LYS C 219 -1.75 -23.76 6.89
N SER D 1 48.02 -1.20 -26.52
CA SER D 1 47.53 -2.34 -27.28
C SER D 1 46.16 -2.06 -27.88
N ASN D 2 45.45 -3.13 -28.22
CA ASN D 2 44.10 -3.01 -28.77
C ASN D 2 43.10 -3.50 -27.72
N LEU D 3 41.82 -3.26 -27.97
CA LEU D 3 40.75 -3.72 -27.10
C LEU D 3 40.82 -5.23 -26.87
N VAL D 4 41.26 -5.61 -25.68
CA VAL D 4 41.36 -7.02 -25.30
C VAL D 4 40.10 -7.45 -24.57
N LEU D 5 39.56 -8.62 -24.92
CA LEU D 5 38.37 -9.14 -24.27
C LEU D 5 38.61 -10.54 -23.72
N TYR D 6 38.60 -10.67 -22.40
CA TYR D 6 38.60 -11.98 -21.77
C TYR D 6 37.21 -12.57 -21.92
N THR D 7 37.08 -13.60 -22.74
CA THR D 7 35.77 -14.04 -23.18
C THR D 7 35.64 -15.53 -23.43
N LEU D 8 34.41 -15.93 -23.78
CA LEU D 8 34.09 -17.29 -24.20
C LEU D 8 32.86 -17.21 -25.10
N HIS D 9 33.01 -17.65 -26.34
CA HIS D 9 31.98 -17.47 -27.36
C HIS D 9 30.65 -18.12 -26.99
N LEU D 10 30.68 -19.16 -26.16
CA LEU D 10 29.45 -19.83 -25.76
C LEU D 10 28.63 -18.99 -24.78
N SER D 11 29.30 -18.22 -23.93
CA SER D 11 28.60 -17.43 -22.93
C SER D 11 27.89 -16.22 -23.54
N PRO D 12 26.57 -16.14 -23.33
CA PRO D 12 25.72 -15.05 -23.84
C PRO D 12 26.21 -13.63 -23.55
N PRO D 13 26.64 -13.31 -22.31
CA PRO D 13 27.04 -11.91 -22.11
C PRO D 13 28.28 -11.54 -22.92
N CYS D 14 29.13 -12.52 -23.22
CA CYS D 14 30.29 -12.29 -24.06
C CYS D 14 29.87 -12.00 -25.50
N ARG D 15 28.92 -12.77 -26.01
CA ARG D 15 28.41 -12.58 -27.36
C ARG D 15 27.69 -11.25 -27.53
N ALA D 16 27.14 -10.72 -26.44
CA ALA D 16 26.46 -9.43 -26.48
C ALA D 16 27.47 -8.30 -26.71
N VAL D 17 28.62 -8.41 -26.06
CA VAL D 17 29.70 -7.44 -26.23
C VAL D 17 30.27 -7.52 -27.65
N GLU D 18 30.45 -8.75 -28.14
CA GLU D 18 30.98 -8.97 -29.48
C GLU D 18 30.03 -8.37 -30.53
N LEU D 19 28.73 -8.50 -30.29
CA LEU D 19 27.73 -7.89 -31.16
C LEU D 19 27.92 -6.38 -31.17
N THR D 20 28.16 -5.82 -29.99
CA THR D 20 28.32 -4.39 -29.82
C THR D 20 29.58 -3.88 -30.52
N ALA D 21 30.65 -4.65 -30.45
CA ALA D 21 31.90 -4.27 -31.09
C ALA D 21 31.77 -4.26 -32.60
N LYS D 22 31.03 -5.24 -33.13
CA LYS D 22 30.77 -5.32 -34.57
C LYS D 22 29.92 -4.15 -35.03
N ALA D 23 28.92 -3.79 -34.21
CA ALA D 23 28.04 -2.68 -34.54
C ALA D 23 28.81 -1.36 -34.51
N LEU D 24 29.86 -1.31 -33.71
CA LEU D 24 30.68 -0.11 -33.60
C LEU D 24 31.83 -0.11 -34.61
N GLY D 25 32.11 -1.28 -35.18
CA GLY D 25 33.20 -1.41 -36.14
C GLY D 25 34.52 -1.70 -35.45
N LEU D 26 34.47 -1.93 -34.14
CA LEU D 26 35.68 -2.18 -33.35
C LEU D 26 36.15 -3.61 -33.49
N GLU D 27 37.46 -3.80 -33.57
CA GLU D 27 38.00 -5.16 -33.59
C GLU D 27 38.48 -5.59 -32.21
N LEU D 28 37.99 -6.74 -31.78
CA LEU D 28 38.30 -7.28 -30.47
C LEU D 28 39.31 -8.42 -30.55
N GLU D 29 40.29 -8.39 -29.65
CA GLU D 29 41.19 -9.51 -29.49
C GLU D 29 40.71 -10.37 -28.33
N GLN D 30 40.32 -11.61 -28.64
CA GLN D 30 39.67 -12.47 -27.66
C GLN D 30 40.62 -13.40 -26.94
N LYS D 31 40.83 -13.13 -25.66
CA LYS D 31 41.58 -14.05 -24.81
C LYS D 31 40.63 -15.07 -24.20
N THR D 32 40.81 -16.34 -24.55
CA THR D 32 39.92 -17.40 -24.12
C THR D 32 40.03 -17.69 -22.64
N ILE D 33 38.89 -17.78 -21.97
CA ILE D 33 38.81 -18.15 -20.57
C ILE D 33 37.88 -19.36 -20.41
N ASN D 34 38.41 -20.57 -20.36
CA ASN D 34 37.50 -21.71 -20.19
C ASN D 34 36.82 -21.55 -18.84
N LEU D 35 35.51 -21.62 -18.82
CA LEU D 35 34.84 -21.72 -17.53
C LEU D 35 34.91 -23.16 -17.04
N LEU D 36 34.93 -24.11 -17.98
CA LEU D 36 34.85 -25.52 -17.62
C LEU D 36 36.12 -26.07 -16.96
N THR D 37 37.26 -25.46 -17.25
CA THR D 37 38.51 -25.86 -16.59
C THR D 37 38.83 -24.88 -15.46
N GLY D 38 37.89 -23.97 -15.19
CA GLY D 38 38.00 -23.05 -14.07
C GLY D 38 39.11 -22.03 -14.17
N ASP D 39 39.33 -21.50 -15.36
CA ASP D 39 40.34 -20.46 -15.57
C ASP D 39 39.86 -19.18 -14.87
N HIS D 40 38.54 -19.01 -14.79
CA HIS D 40 37.98 -17.82 -14.17
C HIS D 40 38.27 -17.76 -12.66
N LEU D 41 38.57 -18.91 -12.07
CA LEU D 41 38.86 -18.97 -10.64
C LEU D 41 40.36 -18.87 -10.34
N LYS D 42 41.15 -18.54 -11.36
CA LYS D 42 42.60 -18.40 -11.20
C LYS D 42 42.96 -17.00 -10.68
N PRO D 43 43.89 -16.93 -9.72
CA PRO D 43 44.28 -15.73 -8.97
C PRO D 43 44.44 -14.45 -9.81
N GLU D 44 45.09 -14.53 -10.97
CA GLU D 44 45.29 -13.34 -11.80
C GLU D 44 44.01 -12.87 -12.47
N PHE D 45 43.15 -13.82 -12.84
CA PHE D 45 41.86 -13.44 -13.41
C PHE D 45 40.96 -12.86 -12.31
N VAL D 46 41.05 -13.44 -11.13
CA VAL D 46 40.26 -13.00 -9.99
C VAL D 46 40.62 -11.57 -9.60
N LYS D 47 41.86 -11.19 -9.81
CA LYS D 47 42.31 -9.83 -9.50
C LYS D 47 41.67 -8.84 -10.46
N LEU D 48 41.51 -9.25 -11.72
CA LEU D 48 40.84 -8.41 -12.71
C LEU D 48 39.37 -8.26 -12.38
N ASN D 49 38.71 -9.37 -12.10
CA ASN D 49 37.32 -9.38 -11.70
C ASN D 49 37.12 -10.24 -10.46
N PRO D 50 36.89 -9.60 -9.30
CA PRO D 50 36.69 -10.31 -8.03
C PRO D 50 35.48 -11.22 -8.08
N GLN D 51 34.51 -10.89 -8.92
CA GLN D 51 33.32 -11.71 -9.10
C GLN D 51 33.61 -12.90 -10.01
N HIS D 52 34.84 -12.96 -10.50
CA HIS D 52 35.33 -14.00 -11.42
C HIS D 52 34.31 -14.40 -12.48
N THR D 53 33.84 -13.42 -13.24
CA THR D 53 32.90 -13.68 -14.33
C THR D 53 33.43 -13.13 -15.65
N ILE D 54 32.90 -13.65 -16.75
CA ILE D 54 33.22 -13.16 -18.07
C ILE D 54 31.99 -12.48 -18.67
N PRO D 55 32.18 -11.52 -19.60
CA PRO D 55 33.44 -11.04 -20.16
C PRO D 55 34.08 -9.91 -19.35
N VAL D 56 35.36 -9.67 -19.60
CA VAL D 56 36.06 -8.53 -19.02
C VAL D 56 36.81 -7.80 -20.13
N LEU D 57 36.65 -6.48 -20.18
CA LEU D 57 37.29 -5.66 -21.22
C LEU D 57 38.57 -4.99 -20.73
N ASP D 58 39.66 -5.19 -21.46
CA ASP D 58 40.91 -4.50 -21.18
C ASP D 58 41.18 -3.47 -22.27
N ASP D 59 41.18 -2.20 -21.90
CA ASP D 59 41.43 -1.12 -22.84
C ASP D 59 42.71 -0.36 -22.46
N ASN D 60 43.86 -0.97 -22.75
CA ASN D 60 45.16 -0.40 -22.43
C ASN D 60 45.30 0.01 -20.97
N GLY D 61 45.29 -0.99 -20.08
CA GLY D 61 45.39 -0.73 -18.66
C GLY D 61 44.02 -0.65 -18.01
N THR D 62 43.11 0.07 -18.66
CA THR D 62 41.74 0.23 -18.16
C THR D 62 41.00 -1.11 -18.19
N ILE D 63 40.46 -1.51 -17.05
CA ILE D 63 39.75 -2.77 -16.93
C ILE D 63 38.25 -2.55 -16.69
N ILE D 64 37.43 -3.10 -17.59
CA ILE D 64 35.99 -2.98 -17.46
C ILE D 64 35.34 -4.35 -17.29
N THR D 65 34.48 -4.47 -16.30
CA THR D 65 33.80 -5.73 -16.00
C THR D 65 32.30 -5.66 -16.32
N GLU D 66 31.69 -6.83 -16.45
CA GLU D 66 30.25 -7.00 -16.71
C GLU D 66 29.85 -6.51 -18.10
N SER D 67 29.14 -7.37 -18.84
CA SER D 67 28.83 -7.12 -20.25
C SER D 67 28.12 -5.80 -20.52
N HIS D 68 27.06 -5.53 -19.77
CA HIS D 68 26.27 -4.33 -19.98
C HIS D 68 27.09 -3.06 -19.73
N ALA D 69 27.92 -3.09 -18.69
CA ALA D 69 28.83 -1.99 -18.42
C ALA D 69 29.83 -1.81 -19.56
N ILE D 70 30.34 -2.93 -20.07
CA ILE D 70 31.29 -2.91 -21.19
C ILE D 70 30.66 -2.31 -22.45
N MET D 71 29.46 -2.74 -22.78
CA MET D 71 28.75 -2.28 -23.98
C MET D 71 28.46 -0.78 -23.92
N ILE D 72 28.02 -0.31 -22.75
CA ILE D 72 27.76 1.12 -22.56
C ILE D 72 29.03 1.92 -22.75
N TYR D 73 30.11 1.44 -22.13
CA TYR D 73 31.41 2.08 -22.26
C TYR D 73 31.89 2.12 -23.71
N LEU D 74 31.68 1.02 -24.44
CA LEU D 74 32.12 0.92 -25.83
C LEU D 74 31.42 1.93 -26.73
N VAL D 75 30.10 2.05 -26.58
CA VAL D 75 29.34 3.01 -27.37
C VAL D 75 29.69 4.43 -26.94
N THR D 76 29.82 4.63 -25.63
CA THR D 76 30.21 5.92 -25.08
C THR D 76 31.57 6.37 -25.63
N LYS D 77 32.52 5.45 -25.62
CA LYS D 77 33.91 5.77 -25.96
C LYS D 77 34.18 5.77 -27.46
N TYR D 78 33.51 4.90 -28.20
CA TYR D 78 33.87 4.67 -29.60
C TYR D 78 32.68 4.70 -30.56
N GLY D 79 31.54 5.19 -30.09
CA GLY D 79 30.37 5.30 -30.95
C GLY D 79 30.38 6.55 -31.80
N LYS D 80 30.27 6.36 -33.11
CA LYS D 80 30.22 7.49 -34.04
C LYS D 80 28.95 8.31 -33.80
N ASP D 81 27.88 7.62 -33.44
CA ASP D 81 26.65 8.28 -33.03
C ASP D 81 26.21 7.70 -31.68
N ASP D 82 24.91 7.74 -31.40
CA ASP D 82 24.42 7.24 -30.12
C ASP D 82 23.13 6.44 -30.26
N SER D 83 22.90 5.88 -31.44
CA SER D 83 21.69 5.11 -31.67
C SER D 83 21.70 3.79 -30.88
N LEU D 84 22.90 3.30 -30.57
CA LEU D 84 23.02 2.06 -29.80
C LEU D 84 22.83 2.31 -28.31
N TYR D 85 23.05 3.54 -27.88
CA TYR D 85 22.88 3.93 -26.49
C TYR D 85 22.70 5.44 -26.39
N PRO D 86 21.44 5.90 -26.42
CA PRO D 86 21.05 7.32 -26.50
C PRO D 86 21.68 8.20 -25.42
N LYS D 87 21.93 9.46 -25.75
CA LYS D 87 22.39 10.43 -24.77
C LYS D 87 21.21 11.08 -24.08
N ASP D 88 20.07 11.12 -24.77
CA ASP D 88 18.83 11.61 -24.19
C ASP D 88 18.43 10.77 -22.99
N PRO D 89 18.31 11.41 -21.82
CA PRO D 89 18.01 10.74 -20.55
C PRO D 89 16.81 9.81 -20.60
N VAL D 90 15.77 10.21 -21.33
CA VAL D 90 14.55 9.40 -21.40
C VAL D 90 14.71 8.18 -22.30
N LYS D 91 15.24 8.39 -23.50
CA LYS D 91 15.48 7.28 -24.42
C LYS D 91 16.53 6.32 -23.85
N GLN D 92 17.47 6.86 -23.10
CA GLN D 92 18.49 6.05 -22.46
C GLN D 92 17.89 5.22 -21.34
N ALA D 93 16.91 5.79 -20.65
CA ALA D 93 16.24 5.10 -19.55
C ALA D 93 15.54 3.83 -20.05
N ARG D 94 14.90 3.93 -21.22
CA ARG D 94 14.24 2.77 -21.80
C ARG D 94 15.24 1.68 -22.16
N VAL D 95 16.43 2.09 -22.58
CA VAL D 95 17.50 1.15 -22.88
C VAL D 95 18.02 0.52 -21.59
N ASN D 96 18.31 1.35 -20.59
CA ASN D 96 18.81 0.87 -19.30
C ASN D 96 17.82 -0.08 -18.62
N SER D 97 16.54 0.22 -18.77
CA SER D 97 15.47 -0.63 -18.23
C SER D 97 15.52 -2.01 -18.86
N ALA D 98 15.67 -2.05 -20.19
CA ALA D 98 15.75 -3.32 -20.91
C ALA D 98 17.03 -4.08 -20.58
N LEU D 99 18.13 -3.35 -20.40
CA LEU D 99 19.40 -3.95 -20.01
C LEU D 99 19.30 -4.67 -18.67
N HIS D 100 18.67 -4.03 -17.70
CA HIS D 100 18.52 -4.62 -16.38
C HIS D 100 17.44 -5.69 -16.35
N PHE D 101 16.50 -5.61 -17.29
CA PHE D 101 15.55 -6.69 -17.48
C PHE D 101 16.29 -7.93 -17.97
N GLU D 102 17.30 -7.72 -18.81
CA GLU D 102 18.04 -8.83 -19.38
C GLU D 102 18.88 -9.54 -18.31
N SER D 103 19.63 -8.77 -17.52
CA SER D 103 20.48 -9.36 -16.49
C SER D 103 19.65 -9.87 -15.33
N GLY D 104 18.59 -9.13 -14.98
CA GLY D 104 17.78 -9.46 -13.83
C GLY D 104 16.75 -10.54 -14.06
N VAL D 105 16.32 -10.72 -15.32
CA VAL D 105 15.28 -11.67 -15.63
C VAL D 105 15.70 -12.71 -16.67
N LEU D 106 16.08 -12.23 -17.85
CA LEU D 106 16.43 -13.15 -18.94
C LEU D 106 17.66 -13.99 -18.62
N PHE D 107 18.78 -13.32 -18.39
CA PHE D 107 20.03 -14.04 -18.14
C PHE D 107 20.01 -14.78 -16.81
N ALA D 108 19.44 -14.15 -15.78
CA ALA D 108 19.42 -14.72 -14.44
C ALA D 108 18.67 -16.06 -14.42
N ARG D 109 17.52 -16.10 -15.07
CA ARG D 109 16.70 -17.30 -15.09
C ARG D 109 17.27 -18.34 -16.03
N MET D 110 18.05 -17.90 -17.01
CA MET D 110 18.75 -18.82 -17.89
C MET D 110 19.85 -19.55 -17.11
N ARG D 111 20.69 -18.78 -16.42
CA ARG D 111 21.76 -19.32 -15.59
C ARG D 111 21.19 -20.25 -14.51
N PHE D 112 20.03 -19.83 -13.99
CA PHE D 112 19.27 -20.57 -13.00
C PHE D 112 18.82 -21.93 -13.55
N THR D 113 18.85 -22.07 -14.87
CA THR D 113 18.53 -23.33 -15.55
C THR D 113 19.78 -24.08 -15.99
N PHE D 114 20.74 -23.34 -16.55
CA PHE D 114 21.91 -23.95 -17.17
C PHE D 114 23.00 -24.39 -16.18
N GLU D 115 23.23 -23.58 -15.14
CA GLU D 115 24.36 -23.81 -14.24
C GLU D 115 24.29 -25.16 -13.54
N ARG D 116 23.09 -25.60 -13.20
CA ARG D 116 22.89 -26.89 -12.55
C ARG D 116 23.45 -28.03 -13.40
N ILE D 117 23.26 -27.91 -14.71
CA ILE D 117 23.66 -28.95 -15.65
C ILE D 117 25.13 -28.87 -16.01
N LEU D 118 25.59 -27.67 -16.35
CA LEU D 118 26.95 -27.47 -16.85
C LEU D 118 28.04 -27.63 -15.79
N PHE D 119 27.70 -27.40 -14.53
CA PHE D 119 28.72 -27.37 -13.49
C PHE D 119 28.38 -28.21 -12.26
N PHE D 120 27.14 -28.69 -12.18
CA PHE D 120 26.73 -29.45 -11.00
C PHE D 120 26.11 -30.80 -11.37
N GLY D 121 26.35 -31.23 -12.60
CA GLY D 121 26.00 -32.56 -13.05
C GLY D 121 24.54 -32.94 -12.96
N LYS D 122 23.67 -31.95 -12.87
CA LYS D 122 22.24 -32.23 -12.84
C LYS D 122 21.76 -32.65 -14.22
N SER D 123 20.83 -33.59 -14.27
CA SER D 123 20.20 -34.03 -15.51
C SER D 123 18.78 -33.49 -15.53
N ASP D 124 18.52 -32.63 -14.56
CA ASP D 124 17.19 -32.15 -14.21
C ASP D 124 16.90 -30.81 -14.88
N ILE D 125 15.62 -30.51 -15.06
CA ILE D 125 15.15 -29.13 -15.14
C ILE D 125 13.83 -29.02 -14.40
N PRO D 126 13.89 -28.63 -13.11
CA PRO D 126 12.70 -28.45 -12.26
C PRO D 126 11.64 -27.59 -12.93
N GLU D 127 10.38 -27.90 -12.68
CA GLU D 127 9.29 -27.24 -13.40
C GLU D 127 9.18 -25.76 -13.05
N ASP D 128 9.50 -25.40 -11.81
CA ASP D 128 9.48 -23.99 -11.42
C ASP D 128 10.51 -23.21 -12.24
N ARG D 129 11.63 -23.86 -12.51
CA ARG D 129 12.69 -23.27 -13.33
C ARG D 129 12.21 -23.08 -14.76
N VAL D 130 11.46 -24.06 -15.25
CA VAL D 130 10.90 -24.01 -16.60
C VAL D 130 9.92 -22.85 -16.76
N GLU D 131 8.97 -22.75 -15.83
CA GLU D 131 7.96 -21.71 -15.89
C GLU D 131 8.58 -20.32 -15.69
N TYR D 132 9.60 -20.23 -14.85
CA TYR D 132 10.31 -18.97 -14.65
C TYR D 132 10.88 -18.47 -15.98
N VAL D 133 11.40 -19.40 -16.78
CA VAL D 133 11.89 -19.05 -18.11
C VAL D 133 10.74 -18.73 -19.04
N GLN D 134 9.71 -19.58 -19.02
CA GLN D 134 8.52 -19.36 -19.85
C GLN D 134 7.89 -18.01 -19.55
N LYS D 135 7.87 -17.63 -18.27
CA LYS D 135 7.33 -16.34 -17.88
C LYS D 135 8.24 -15.20 -18.36
N SER D 136 9.54 -15.48 -18.41
CA SER D 136 10.50 -14.49 -18.89
C SER D 136 10.30 -14.26 -20.39
N TYR D 137 9.82 -15.30 -21.08
CA TYR D 137 9.44 -15.18 -22.48
C TYR D 137 8.21 -14.29 -22.62
N GLU D 138 7.23 -14.51 -21.75
CA GLU D 138 6.01 -13.73 -21.74
C GLU D 138 6.28 -12.25 -21.43
N LEU D 139 7.19 -12.00 -20.49
CA LEU D 139 7.56 -10.65 -20.11
C LEU D 139 8.24 -9.91 -21.27
N LEU D 140 9.12 -10.63 -21.98
CA LEU D 140 9.79 -10.06 -23.14
C LEU D 140 8.80 -9.78 -24.27
N GLU D 141 7.86 -10.70 -24.44
CA GLU D 141 6.81 -10.55 -25.45
C GLU D 141 6.02 -9.26 -25.27
N ASP D 142 5.58 -9.01 -24.04
CA ASP D 142 4.81 -7.82 -23.75
C ASP D 142 5.68 -6.56 -23.79
N THR D 143 6.99 -6.74 -23.67
CA THR D 143 7.92 -5.62 -23.75
C THR D 143 8.11 -5.17 -25.20
N LEU D 144 8.09 -6.13 -26.12
CA LEU D 144 8.29 -5.82 -27.54
C LEU D 144 7.08 -5.14 -28.17
N VAL D 145 6.75 -3.95 -27.68
CA VAL D 145 5.67 -3.16 -28.26
C VAL D 145 6.14 -2.51 -29.55
N ASP D 146 7.45 -2.29 -29.65
CA ASP D 146 8.06 -1.77 -30.86
C ASP D 146 8.82 -2.88 -31.58
N ASP D 147 9.58 -2.51 -32.61
CA ASP D 147 10.37 -3.47 -33.37
C ASP D 147 11.49 -4.06 -32.53
N PHE D 148 12.00 -3.26 -31.60
CA PHE D 148 13.10 -3.69 -30.73
C PHE D 148 12.74 -3.43 -29.26
N VAL D 149 13.49 -4.04 -28.35
CA VAL D 149 13.13 -4.06 -26.94
C VAL D 149 13.07 -2.67 -26.30
N ALA D 150 13.84 -1.73 -26.82
CA ALA D 150 13.93 -0.40 -26.22
C ALA D 150 13.43 0.69 -27.17
N GLY D 151 12.55 0.31 -28.09
CA GLY D 151 11.99 1.25 -29.03
C GLY D 151 12.10 0.82 -30.48
N PRO D 152 11.79 1.73 -31.41
CA PRO D 152 11.83 1.43 -32.85
C PRO D 152 13.26 1.26 -33.36
N THR D 153 14.23 1.68 -32.55
CA THR D 153 15.63 1.63 -32.95
C THR D 153 16.39 0.54 -32.19
N MET D 154 17.19 -0.23 -32.91
CA MET D 154 18.01 -1.26 -32.29
C MET D 154 19.05 -0.62 -31.40
N THR D 155 19.17 -1.14 -30.18
CA THR D 155 20.14 -0.64 -29.22
C THR D 155 20.94 -1.81 -28.65
N ILE D 156 21.88 -1.52 -27.77
CA ILE D 156 22.68 -2.57 -27.14
C ILE D 156 21.82 -3.49 -26.29
N ALA D 157 20.63 -3.02 -25.90
CA ALA D 157 19.70 -3.84 -25.14
C ALA D 157 19.19 -5.02 -25.96
N ASP D 158 19.18 -4.86 -27.28
CA ASP D 158 18.78 -5.95 -28.16
C ASP D 158 19.85 -7.04 -28.20
N PHE D 159 21.10 -6.64 -28.12
CA PHE D 159 22.22 -7.57 -28.18
C PHE D 159 22.24 -8.47 -26.95
N SER D 160 22.04 -7.88 -25.77
CA SER D 160 21.99 -8.64 -24.53
C SER D 160 20.84 -9.64 -24.54
N CYS D 161 19.66 -9.17 -24.91
CA CYS D 161 18.47 -10.02 -24.95
C CYS D 161 18.60 -11.17 -25.92
N ILE D 162 19.05 -10.89 -27.13
CA ILE D 162 19.13 -11.94 -28.15
C ILE D 162 20.21 -12.96 -27.82
N SER D 163 21.28 -12.52 -27.16
CA SER D 163 22.39 -13.42 -26.84
C SER D 163 21.95 -14.45 -25.79
N THR D 164 20.99 -14.06 -24.96
CA THR D 164 20.46 -14.96 -23.95
C THR D 164 19.29 -15.76 -24.52
N VAL D 165 18.38 -15.08 -25.21
CA VAL D 165 17.20 -15.72 -25.78
C VAL D 165 17.59 -16.83 -26.77
N SER D 166 18.56 -16.57 -27.64
CA SER D 166 18.98 -17.54 -28.63
C SER D 166 19.67 -18.76 -28.02
N SER D 167 20.01 -18.66 -26.74
CA SER D 167 20.66 -19.76 -26.04
C SER D 167 19.66 -20.61 -25.29
N ILE D 168 18.70 -19.96 -24.64
CA ILE D 168 17.74 -20.65 -23.79
C ILE D 168 16.60 -21.26 -24.61
N MET D 169 16.30 -20.67 -25.76
CA MET D 169 15.21 -21.16 -26.59
C MET D 169 15.54 -22.52 -27.19
N GLY D 170 16.82 -22.89 -27.15
CA GLY D 170 17.25 -24.19 -27.63
C GLY D 170 17.09 -25.25 -26.56
N VAL D 171 16.75 -24.82 -25.35
CA VAL D 171 16.52 -25.72 -24.23
C VAL D 171 15.07 -25.65 -23.77
N VAL D 172 14.64 -24.47 -23.33
CA VAL D 172 13.24 -24.24 -23.01
C VAL D 172 12.52 -23.67 -24.22
N PRO D 173 11.61 -24.46 -24.81
CA PRO D 173 10.95 -24.16 -26.08
C PRO D 173 10.16 -22.85 -26.08
N LEU D 174 10.29 -22.10 -27.17
CA LEU D 174 9.58 -20.85 -27.34
C LEU D 174 8.44 -21.01 -28.34
N GLU D 175 7.22 -21.07 -27.84
CA GLU D 175 6.05 -21.31 -28.68
C GLU D 175 5.78 -20.13 -29.61
N GLN D 176 5.76 -20.40 -30.91
CA GLN D 176 5.53 -19.36 -31.91
C GLN D 176 4.13 -18.78 -31.81
N SER D 177 3.17 -19.63 -31.46
CA SER D 177 1.77 -19.21 -31.36
C SER D 177 1.54 -18.22 -30.22
N LYS D 178 2.36 -18.31 -29.19
CA LYS D 178 2.22 -17.42 -28.03
C LYS D 178 3.26 -16.31 -28.01
N HIS D 179 4.28 -16.41 -28.86
CA HIS D 179 5.30 -15.37 -28.92
C HIS D 179 5.61 -14.91 -30.35
N PRO D 180 4.60 -14.35 -31.04
CA PRO D 180 4.85 -13.89 -32.40
C PRO D 180 5.80 -12.69 -32.46
N ARG D 181 5.74 -11.83 -31.44
CA ARG D 181 6.58 -10.64 -31.42
C ARG D 181 8.05 -10.98 -31.30
N ILE D 182 8.36 -11.96 -30.45
CA ILE D 182 9.75 -12.36 -30.24
C ILE D 182 10.34 -12.94 -31.51
N TYR D 183 9.60 -13.79 -32.20
CA TYR D 183 10.06 -14.36 -33.46
C TYR D 183 10.26 -13.28 -34.52
N ALA D 184 9.33 -12.33 -34.57
CA ALA D 184 9.45 -11.20 -35.50
C ALA D 184 10.69 -10.37 -35.16
N TRP D 185 10.97 -10.26 -33.86
CA TRP D 185 12.11 -9.52 -33.35
C TRP D 185 13.43 -10.22 -33.68
N ILE D 186 13.44 -11.55 -33.49
CA ILE D 186 14.64 -12.35 -33.79
C ILE D 186 15.03 -12.20 -35.26
N ASP D 187 14.04 -12.26 -36.14
CA ASP D 187 14.27 -12.16 -37.58
C ASP D 187 14.85 -10.81 -37.97
N ARG D 188 14.52 -9.78 -37.22
CA ARG D 188 15.09 -8.45 -37.46
C ARG D 188 16.57 -8.45 -37.16
N LEU D 189 16.94 -9.08 -36.05
CA LEU D 189 18.33 -9.16 -35.64
C LEU D 189 19.10 -10.15 -36.52
N LYS D 190 18.39 -11.13 -37.08
CA LYS D 190 19.01 -12.08 -38.01
C LYS D 190 19.39 -11.39 -39.33
N GLN D 191 18.74 -10.27 -39.60
CA GLN D 191 19.04 -9.50 -40.81
C GLN D 191 20.41 -8.82 -40.70
N LEU D 192 20.90 -8.66 -39.48
CA LEU D 192 22.24 -8.12 -39.26
C LEU D 192 23.28 -9.03 -39.91
N PRO D 193 24.20 -8.43 -40.68
CA PRO D 193 25.19 -9.20 -41.46
C PRO D 193 26.20 -9.93 -40.58
N TYR D 194 26.32 -9.51 -39.33
CA TYR D 194 27.30 -10.10 -38.42
C TYR D 194 26.65 -10.97 -37.35
N TYR D 195 25.33 -11.10 -37.40
CA TYR D 195 24.60 -11.80 -36.35
C TYR D 195 25.02 -13.26 -36.18
N GLU D 196 24.93 -14.03 -37.25
CA GLU D 196 25.23 -15.47 -37.20
C GLU D 196 26.66 -15.73 -36.77
N GLU D 197 27.59 -15.01 -37.39
CA GLU D 197 29.02 -15.18 -37.11
C GLU D 197 29.35 -14.90 -35.64
N VAL D 198 28.72 -13.88 -35.09
CA VAL D 198 29.05 -13.40 -33.76
C VAL D 198 28.18 -14.04 -32.67
N ASN D 199 26.88 -14.16 -32.94
CA ASN D 199 25.97 -14.65 -31.91
C ASN D 199 25.20 -15.91 -32.30
N GLY D 200 24.68 -15.94 -33.53
CA GLY D 200 23.87 -17.05 -34.00
C GLY D 200 24.55 -18.40 -33.85
N GLY D 201 25.87 -18.42 -34.01
CA GLY D 201 26.63 -19.63 -33.84
C GLY D 201 26.69 -20.07 -32.40
N GLY D 202 27.25 -19.20 -31.55
CA GLY D 202 27.43 -19.50 -30.14
C GLY D 202 26.13 -19.79 -29.40
N GLY D 203 25.09 -19.02 -29.73
CA GLY D 203 23.80 -19.17 -29.08
C GLY D 203 23.20 -20.54 -29.27
N THR D 204 23.07 -20.97 -30.52
CA THR D 204 22.55 -22.29 -30.84
C THR D 204 23.43 -23.38 -30.24
N ASP D 205 24.75 -23.18 -30.31
CA ASP D 205 25.70 -24.16 -29.82
C ASP D 205 25.60 -24.36 -28.30
N LEU D 206 25.45 -23.27 -27.56
CA LEU D 206 25.28 -23.36 -26.12
C LEU D 206 24.00 -24.11 -25.78
N GLY D 207 22.92 -23.77 -26.46
CA GLY D 207 21.62 -24.39 -26.24
C GLY D 207 21.63 -25.89 -26.43
N LYS D 208 22.38 -26.35 -27.42
CA LYS D 208 22.47 -27.78 -27.69
C LYS D 208 23.55 -28.42 -26.82
N PHE D 209 24.52 -27.62 -26.38
CA PHE D 209 25.53 -28.11 -25.46
C PHE D 209 24.92 -28.40 -24.11
N VAL D 210 23.93 -27.61 -23.72
CA VAL D 210 23.22 -27.81 -22.47
C VAL D 210 22.45 -29.12 -22.51
N LEU D 211 21.73 -29.35 -23.60
CA LEU D 211 20.96 -30.58 -23.78
C LEU D 211 21.87 -31.81 -23.86
N ALA D 212 23.04 -31.63 -24.46
CA ALA D 212 24.00 -32.72 -24.60
C ALA D 212 24.56 -33.12 -23.23
N LYS D 213 24.93 -32.13 -22.43
CA LYS D 213 25.47 -32.39 -21.10
C LYS D 213 24.35 -32.79 -20.15
N LYS D 214 23.12 -32.43 -20.50
CA LYS D 214 21.96 -32.79 -19.69
C LYS D 214 21.76 -34.30 -19.62
N GLU D 215 21.77 -34.96 -20.77
CA GLU D 215 21.48 -36.38 -20.81
C GLU D 215 22.77 -37.21 -20.73
N GLU D 216 23.92 -36.54 -20.73
CA GLU D 216 25.17 -37.19 -20.37
C GLU D 216 25.19 -37.38 -18.86
N ASN D 217 24.60 -36.42 -18.16
CA ASN D 217 24.50 -36.47 -16.70
C ASN D 217 23.48 -37.51 -16.24
N ALA D 218 22.72 -38.05 -17.19
CA ALA D 218 21.72 -39.08 -16.88
C ALA D 218 22.28 -40.47 -17.14
N1 GSH E . -17.87 10.97 18.23
CA1 GSH E . -17.45 11.78 19.33
C1 GSH E . -16.57 12.89 18.82
O11 GSH E . -16.63 14.05 19.33
O12 GSH E . -15.77 12.66 17.86
CB1 GSH E . -16.72 10.92 20.32
CG1 GSH E . -16.03 11.78 21.36
CD1 GSH E . -15.46 10.94 22.47
OE1 GSH E . -15.87 9.81 22.67
N2 GSH E . -14.43 11.47 23.29
CA2 GSH E . -13.88 10.70 24.35
C2 GSH E . -14.55 11.09 25.64
O2 GSH E . -14.86 12.25 25.82
CB2 GSH E . -12.40 11.00 24.45
SG2 GSH E . -11.55 10.21 23.12
N3 GSH E . -14.82 10.11 26.64
CA3 GSH E . -15.45 10.50 27.85
C3 GSH E . -16.78 9.78 27.97
O31 GSH E . -17.40 9.77 29.07
O32 GSH E . -17.28 9.18 26.97
OH2 1PE F . -14.54 27.43 -2.71
C12 1PE F . -15.77 27.48 -2.05
C22 1PE F . -15.85 28.78 -1.19
OH3 1PE F . -16.71 28.57 -0.10
C13 1PE F . -17.04 27.86 2.18
C23 1PE F . -16.04 28.21 1.11
OH4 1PE F . -16.93 26.48 2.48
C14 1PE F . -18.47 24.57 2.56
C24 1PE F . -18.07 25.94 3.18
OH5 1PE F . -19.84 24.29 2.91
N1 GSH G . -22.33 3.54 9.13
CA1 GSH G . -22.78 2.64 8.12
C1 GSH G . -24.10 3.15 7.56
O11 GSH G . -24.32 3.08 6.31
O12 GSH G . -24.95 3.64 8.34
CB1 GSH G . -22.96 1.26 8.71
CG1 GSH G . -23.55 0.34 7.66
CD1 GSH G . -23.52 -1.11 8.10
OE1 GSH G . -22.74 -1.48 8.97
N2 GSH G . -24.40 -2.04 7.50
CA2 GSH G . -24.39 -3.39 7.90
C2 GSH G . -23.58 -4.15 6.88
O2 GSH G . -23.69 -3.85 5.70
CB2 GSH G . -25.80 -3.93 7.95
SG2 GSH G . -26.57 -3.49 9.47
N3 GSH G . -22.70 -5.21 7.26
CA3 GSH G . -21.96 -5.89 6.27
C3 GSH G . -20.47 -5.79 6.55
O31 GSH G . -19.66 -6.55 5.96
O32 GSH G . -20.04 -4.94 7.38
C1 GOL H . -30.78 21.48 3.05
O1 GOL H . -29.46 21.81 2.66
C2 GOL H . -31.70 21.39 1.83
O2 GOL H . -32.72 20.47 2.10
C3 GOL H . -32.31 22.76 1.56
O3 GOL H . -33.37 22.64 0.62
N1 GSH I . 14.77 -4.96 -12.17
CA1 GSH I . 13.55 -4.48 -11.60
C1 GSH I . 13.83 -3.23 -10.79
O11 GSH I . 13.06 -2.24 -10.89
O12 GSH I . 14.82 -3.18 -10.02
CB1 GSH I . 12.95 -5.55 -10.72
CG1 GSH I . 11.69 -5.01 -10.08
CD1 GSH I . 10.87 -6.11 -9.44
OE1 GSH I . 11.06 -7.28 -9.71
N2 GSH I . 9.85 -5.75 -8.51
CA2 GSH I . 9.05 -6.74 -7.88
C2 GSH I . 7.73 -6.83 -8.62
O2 GSH I . 7.21 -5.80 -9.02
CB2 GSH I . 8.77 -6.34 -6.46
SG2 GSH I . 10.27 -6.39 -5.51
N3 GSH I . 7.09 -8.08 -8.82
CA3 GSH I . 5.84 -8.14 -9.50
C3 GSH I . 5.95 -9.02 -10.72
O31 GSH I . 4.92 -9.55 -11.21
O32 GSH I . 7.06 -9.25 -11.25
N1 GSH J . 26.05 -9.70 -15.36
CA1 GSH J . 27.22 -10.36 -15.85
C1 GSH J . 27.44 -9.98 -17.29
O11 GSH J . 28.60 -9.66 -17.68
O12 GSH J . 26.48 -9.98 -18.11
CB1 GSH J . 27.03 -11.86 -15.76
CG1 GSH J . 28.24 -12.54 -16.35
CD1 GSH J . 28.19 -14.03 -16.11
OE1 GSH J . 27.40 -14.49 -15.30
N2 GSH J . 29.07 -14.87 -16.82
CA2 GSH J . 29.05 -16.28 -16.61
C2 GSH J . 30.24 -16.64 -15.75
O2 GSH J . 31.30 -16.06 -15.91
CB2 GSH J . 29.16 -16.98 -17.94
SG2 GSH J . 27.56 -17.07 -18.70
N3 GSH J . 30.13 -17.66 -14.77
CA3 GSH J . 31.27 -17.98 -13.97
C3 GSH J . 30.95 -17.78 -12.50
O31 GSH J . 31.57 -18.44 -11.62
O32 GSH J . 30.06 -16.96 -12.16
#